data_4Z9D
#
_entry.id   4Z9D
#
_cell.length_a   44.520
_cell.length_b   55.660
_cell.length_c   73.060
_cell.angle_alpha   90.06
_cell.angle_beta   104.07
_cell.angle_gamma   96.17
#
_symmetry.space_group_name_H-M   'P 1'
#
loop_
_entity.id
_entity.type
_entity.pdbx_description
1 polymer 'Pertussis toxin-like subunit ArtA'
2 non-polymer 'SODIUM ION'
3 non-polymer NICOTINAMIDE-ADENINE-DINUCLEOTIDE
4 water water
#
_entity_poly.entity_id   1
_entity_poly.type   'polypeptide(L)'
_entity_poly.pdbx_seq_one_letter_code
;GPGTDFVYRVDSRPPEEIFRDGFRSHGFNRNLQQHLRGDSCAAGSRDSAFIATTTSLIETYNIARQYYSSSGFHGRLYRY
RIRANNIFYPIQPSVNYLTQRGITFSGFERIMMREDNDIVAVEHIPGENIVEAVELTYDRFNSQVSDGPGTTNARYVPGS
TFVNPGVIPQLVVPT
;
_entity_poly.pdbx_strand_id   A,B,C,D
#
loop_
_chem_comp.id
_chem_comp.type
_chem_comp.name
_chem_comp.formula
NA non-polymer 'SODIUM ION' 'Na 1'
NAD non-polymer NICOTINAMIDE-ADENINE-DINUCLEOTIDE 'C21 H27 N7 O14 P2'
#
# COMPACT_ATOMS: atom_id res chain seq x y z
N GLY A 1 -3.38 -1.52 -5.67
CA GLY A 1 -2.39 -1.40 -4.61
C GLY A 1 -3.04 -1.53 -3.25
N PRO A 2 -2.22 -1.46 -2.19
CA PRO A 2 -2.63 -1.55 -0.78
C PRO A 2 -3.86 -0.71 -0.45
N GLY A 3 -4.85 -1.34 0.17
CA GLY A 3 -6.01 -0.60 0.64
C GLY A 3 -7.19 -0.59 -0.31
N THR A 4 -6.93 -0.78 -1.60
CA THR A 4 -7.95 -0.62 -2.63
C THR A 4 -9.20 -1.47 -2.36
N ASP A 5 -10.36 -0.84 -2.57
CA ASP A 5 -11.63 -1.54 -2.50
C ASP A 5 -11.85 -2.35 -3.77
N PHE A 6 -12.06 -3.66 -3.62
CA PHE A 6 -12.45 -4.49 -4.75
C PHE A 6 -13.80 -5.12 -4.44
N VAL A 7 -14.61 -5.31 -5.46
CA VAL A 7 -15.90 -5.98 -5.30
C VAL A 7 -16.11 -7.06 -6.36
N TYR A 8 -17.09 -7.92 -6.13
CA TYR A 8 -17.45 -8.95 -7.09
C TYR A 8 -18.84 -8.75 -7.68
N ARG A 9 -19.03 -9.21 -8.91
CA ARG A 9 -20.37 -9.28 -9.48
C ARG A 9 -20.56 -10.58 -10.24
N VAL A 10 -21.65 -11.27 -9.98
CA VAL A 10 -22.04 -12.44 -10.75
C VAL A 10 -22.96 -12.00 -11.89
N ASP A 11 -22.63 -12.38 -13.12
CA ASP A 11 -23.41 -11.97 -14.30
C ASP A 11 -23.37 -13.06 -15.38
N SER A 12 -24.38 -13.14 -16.23
CA SER A 12 -24.42 -14.19 -17.23
C SER A 12 -23.67 -13.82 -18.51
N ARG A 13 -23.37 -12.53 -18.68
CA ARG A 13 -22.68 -12.07 -19.87
C ARG A 13 -21.18 -12.36 -19.78
N PRO A 14 -20.56 -12.72 -20.93
CA PRO A 14 -19.17 -13.16 -20.99
C PRO A 14 -18.15 -12.03 -21.05
N PRO A 15 -16.88 -12.32 -20.71
CA PRO A 15 -15.83 -11.30 -20.59
C PRO A 15 -15.64 -10.51 -21.87
N GLU A 16 -15.82 -11.16 -23.02
CA GLU A 16 -15.61 -10.48 -24.27
C GLU A 16 -16.50 -9.25 -24.42
N GLU A 17 -17.75 -9.39 -23.99
CA GLU A 17 -18.68 -8.27 -23.96
C GLU A 17 -18.37 -7.33 -22.80
N ILE A 18 -18.25 -7.90 -21.62
CA ILE A 18 -18.11 -7.14 -20.38
C ILE A 18 -16.77 -6.41 -20.25
N PHE A 19 -15.68 -7.03 -20.67
CA PHE A 19 -14.37 -6.35 -20.58
C PHE A 19 -14.36 -5.12 -21.47
N ARG A 20 -15.13 -5.20 -22.56
CA ARG A 20 -15.15 -4.15 -23.56
C ARG A 20 -16.11 -3.06 -23.10
N ASP A 21 -17.32 -3.48 -22.73
CA ASP A 21 -18.43 -2.56 -22.47
C ASP A 21 -18.64 -2.17 -21.02
N GLY A 22 -18.10 -2.97 -20.10
CA GLY A 22 -18.40 -2.76 -18.69
C GLY A 22 -19.83 -3.16 -18.39
N PHE A 23 -20.33 -2.74 -17.24
CA PHE A 23 -21.72 -2.97 -16.86
C PHE A 23 -22.53 -1.69 -16.95
N ARG A 24 -23.79 -1.80 -17.35
CA ARG A 24 -24.69 -0.64 -17.32
C ARG A 24 -25.99 -1.02 -16.62
N SER A 25 -26.55 -0.10 -15.84
CA SER A 25 -27.78 -0.39 -15.10
C SER A 25 -28.94 -0.53 -16.07
N HIS A 26 -30.04 -1.11 -15.60
CA HIS A 26 -31.26 -1.23 -16.42
C HIS A 26 -31.85 0.14 -16.75
N GLY A 27 -31.84 1.04 -15.78
CA GLY A 27 -32.45 2.33 -15.99
C GLY A 27 -31.95 3.40 -15.05
N PHE A 28 -32.87 4.23 -14.57
CA PHE A 28 -32.50 5.38 -13.75
C PHE A 28 -33.30 5.48 -12.47
N ASN A 29 -34.00 4.40 -12.12
CA ASN A 29 -34.83 4.33 -10.91
C ASN A 29 -34.01 4.21 -9.64
N ARG A 30 -33.93 5.28 -8.86
CA ARG A 30 -33.12 5.28 -7.63
C ARG A 30 -33.91 4.93 -6.36
N ASN A 31 -34.94 4.10 -6.48
CA ASN A 31 -35.60 3.54 -5.30
C ASN A 31 -34.76 2.39 -4.79
N LEU A 32 -33.97 2.65 -3.75
CA LEU A 32 -33.00 1.65 -3.27
C LEU A 32 -33.68 0.40 -2.70
N GLN A 33 -34.78 0.57 -1.96
CA GLN A 33 -35.45 -0.59 -1.40
C GLN A 33 -35.97 -1.53 -2.48
N GLN A 34 -36.53 -0.94 -3.54
CA GLN A 34 -36.96 -1.66 -4.73
C GLN A 34 -35.81 -2.48 -5.32
N HIS A 35 -34.66 -1.83 -5.48
CA HIS A 35 -33.51 -2.53 -6.02
C HIS A 35 -33.08 -3.70 -5.13
N LEU A 36 -32.97 -3.44 -3.83
CA LEU A 36 -32.46 -4.44 -2.89
C LEU A 36 -33.39 -5.66 -2.82
N ARG A 37 -34.68 -5.46 -3.04
CA ARG A 37 -35.64 -6.57 -3.09
C ARG A 37 -35.54 -7.36 -4.38
N GLY A 38 -35.06 -6.73 -5.43
CA GLY A 38 -35.01 -7.35 -6.75
C GLY A 38 -36.15 -6.90 -7.64
N ASP A 39 -37.01 -6.05 -7.10
CA ASP A 39 -38.22 -5.61 -7.81
C ASP A 39 -37.96 -4.74 -9.04
N SER A 40 -36.80 -4.10 -9.10
CA SER A 40 -36.52 -3.21 -10.22
C SER A 40 -35.43 -3.80 -11.11
N CYS A 41 -35.06 -5.05 -10.83
CA CYS A 41 -34.00 -5.70 -11.59
C CYS A 41 -34.61 -6.62 -12.65
N ALA A 42 -33.83 -7.56 -13.15
CA ALA A 42 -34.23 -8.35 -14.32
C ALA A 42 -35.56 -9.07 -14.14
N ALA A 43 -35.86 -9.51 -12.93
CA ALA A 43 -37.11 -10.24 -12.70
C ALA A 43 -38.27 -9.31 -12.40
N GLY A 44 -38.03 -8.01 -12.42
CA GLY A 44 -39.04 -7.04 -12.05
C GLY A 44 -39.29 -5.96 -13.10
N SER A 45 -39.29 -4.69 -12.67
CA SER A 45 -39.56 -3.58 -13.58
C SER A 45 -38.39 -3.24 -14.50
N ARG A 46 -37.23 -3.84 -14.23
CA ARG A 46 -36.06 -3.70 -15.12
C ARG A 46 -35.73 -2.25 -15.42
N ASP A 47 -35.67 -1.43 -14.38
CA ASP A 47 -35.28 -0.04 -14.56
C ASP A 47 -34.37 0.47 -13.44
N SER A 48 -33.85 -0.43 -12.62
CA SER A 48 -32.96 -0.06 -11.53
C SER A 48 -31.81 0.86 -11.96
N ALA A 49 -31.53 1.86 -11.13
CA ALA A 49 -30.42 2.76 -11.38
C ALA A 49 -29.09 2.12 -11.01
N PHE A 50 -29.17 1.01 -10.29
CA PHE A 50 -28.01 0.49 -9.60
C PHE A 50 -27.50 -0.83 -10.21
N ILE A 51 -26.20 -1.06 -10.09
CA ILE A 51 -25.57 -2.32 -10.49
C ILE A 51 -25.06 -3.00 -9.23
N ALA A 52 -25.61 -4.17 -8.90
CA ALA A 52 -25.31 -4.83 -7.64
C ALA A 52 -23.94 -5.49 -7.65
N THR A 53 -23.22 -5.35 -6.54
CA THR A 53 -21.94 -6.04 -6.32
C THR A 53 -21.86 -6.47 -4.87
N THR A 54 -20.85 -7.28 -4.53
CA THR A 54 -20.67 -7.67 -3.13
C THR A 54 -19.18 -7.75 -2.83
N THR A 55 -18.79 -7.45 -1.60
CA THR A 55 -17.39 -7.57 -1.20
C THR A 55 -17.01 -9.01 -0.92
N SER A 56 -18.02 -9.87 -0.77
CA SER A 56 -17.82 -11.23 -0.27
C SER A 56 -17.77 -12.32 -1.35
N LEU A 57 -16.60 -12.94 -1.48
CA LEU A 57 -16.40 -14.06 -2.39
C LEU A 57 -17.34 -15.21 -2.04
N ILE A 58 -17.50 -15.43 -0.74
CA ILE A 58 -18.37 -16.49 -0.24
C ILE A 58 -19.79 -16.25 -0.71
N GLU A 59 -20.24 -15.01 -0.63
CA GLU A 59 -21.57 -14.64 -1.10
C GLU A 59 -21.77 -14.87 -2.59
N THR A 60 -20.72 -14.68 -3.40
CA THR A 60 -20.88 -14.86 -4.86
C THR A 60 -21.28 -16.30 -5.22
N TYR A 61 -20.68 -17.30 -4.56
CA TYR A 61 -21.06 -18.69 -4.83
C TYR A 61 -22.54 -18.95 -4.54
N ASN A 62 -23.04 -18.34 -3.48
CA ASN A 62 -24.43 -18.53 -3.08
C ASN A 62 -25.40 -17.84 -4.02
N ILE A 63 -25.04 -16.64 -4.45
CA ILE A 63 -25.81 -15.93 -5.49
C ILE A 63 -25.85 -16.76 -6.78
N ALA A 64 -24.71 -17.29 -7.19
CA ALA A 64 -24.65 -18.12 -8.39
C ALA A 64 -25.52 -19.37 -8.24
N ARG A 65 -25.48 -19.99 -7.07
CA ARG A 65 -26.30 -21.19 -6.82
C ARG A 65 -27.79 -20.88 -6.99
N GLN A 66 -28.20 -19.73 -6.46
CA GLN A 66 -29.58 -19.28 -6.55
C GLN A 66 -30.02 -19.19 -8.01
N TYR A 67 -29.17 -18.59 -8.85
CA TYR A 67 -29.49 -18.43 -10.25
C TYR A 67 -29.44 -19.76 -11.01
N TYR A 68 -28.39 -20.55 -10.77
CA TYR A 68 -28.21 -21.84 -11.41
C TYR A 68 -29.36 -22.81 -11.17
N SER A 69 -29.94 -22.75 -9.98
CA SER A 69 -30.94 -23.73 -9.60
C SER A 69 -32.36 -23.23 -9.89
N SER A 70 -32.49 -22.05 -10.48
CA SER A 70 -33.80 -21.52 -10.78
C SER A 70 -34.30 -22.11 -12.10
N SER A 71 -35.62 -22.36 -12.18
CA SER A 71 -36.21 -23.04 -13.32
C SER A 71 -36.14 -22.19 -14.56
N GLY A 72 -35.82 -22.81 -15.69
CA GLY A 72 -35.70 -22.09 -16.94
C GLY A 72 -34.38 -21.37 -17.07
N PHE A 73 -33.52 -21.44 -16.05
CA PHE A 73 -32.18 -20.92 -16.20
C PHE A 73 -31.32 -21.86 -17.04
N HIS A 74 -30.70 -21.30 -18.06
CA HIS A 74 -29.76 -22.01 -18.91
C HIS A 74 -28.58 -21.08 -19.18
N GLY A 75 -27.44 -21.64 -19.52
CA GLY A 75 -26.31 -20.80 -19.87
C GLY A 75 -25.31 -20.74 -18.75
N ARG A 76 -24.41 -19.76 -18.79
CA ARG A 76 -23.31 -19.74 -17.85
C ARG A 76 -23.31 -18.50 -16.99
N LEU A 77 -22.57 -18.57 -15.89
CA LEU A 77 -22.41 -17.44 -15.00
C LEU A 77 -20.93 -17.21 -14.83
N TYR A 78 -20.56 -15.95 -14.66
CA TYR A 78 -19.18 -15.56 -14.43
C TYR A 78 -19.12 -14.73 -13.15
N ARG A 79 -18.01 -14.87 -12.41
CA ARG A 79 -17.75 -13.96 -11.31
C ARG A 79 -16.71 -12.94 -11.78
N TYR A 80 -17.09 -11.68 -11.79
CA TYR A 80 -16.16 -10.61 -12.15
C TYR A 80 -15.57 -9.96 -10.91
N ARG A 81 -14.27 -9.70 -10.94
CA ARG A 81 -13.65 -8.92 -9.87
C ARG A 81 -13.47 -7.51 -10.36
N ILE A 82 -13.86 -6.54 -9.54
CA ILE A 82 -13.96 -5.16 -10.00
C ILE A 82 -13.31 -4.19 -9.03
N ARG A 83 -12.50 -3.26 -9.54
CA ARG A 83 -12.00 -2.18 -8.70
C ARG A 83 -13.10 -1.16 -8.45
N ALA A 84 -13.40 -0.91 -7.18
CA ALA A 84 -14.43 0.04 -6.82
C ALA A 84 -13.85 1.45 -6.77
N ASN A 85 -14.67 2.44 -7.10
CA ASN A 85 -14.28 3.84 -6.95
C ASN A 85 -15.50 4.65 -6.50
N ASN A 86 -15.50 5.96 -6.73
CA ASN A 86 -16.54 6.81 -6.15
C ASN A 86 -17.93 6.61 -6.80
N ILE A 87 -17.97 5.77 -7.82
CA ILE A 87 -19.22 5.35 -8.46
C ILE A 87 -19.97 4.32 -7.58
N PHE A 88 -19.23 3.73 -6.65
CA PHE A 88 -19.71 2.64 -5.80
C PHE A 88 -20.07 3.16 -4.43
N TYR A 89 -21.18 2.70 -3.89
CA TYR A 89 -21.66 3.09 -2.55
C TYR A 89 -22.00 1.87 -1.72
N PRO A 90 -21.42 1.75 -0.52
CA PRO A 90 -21.97 0.78 0.43
C PRO A 90 -23.40 1.18 0.77
N ILE A 91 -24.31 0.23 1.00
CA ILE A 91 -25.72 0.62 1.12
C ILE A 91 -26.09 1.19 2.50
N GLN A 92 -25.30 0.91 3.52
CA GLN A 92 -25.71 1.24 4.89
C GLN A 92 -26.00 2.73 5.17
N PRO A 93 -25.13 3.67 4.71
CA PRO A 93 -25.46 5.07 4.96
C PRO A 93 -26.78 5.48 4.33
N SER A 94 -27.09 4.90 3.18
CA SER A 94 -28.34 5.25 2.51
C SER A 94 -29.53 4.61 3.22
N VAL A 95 -29.35 3.39 3.69
CA VAL A 95 -30.41 2.72 4.44
C VAL A 95 -30.70 3.51 5.73
N ASN A 96 -29.64 4.01 6.38
CA ASN A 96 -29.80 4.85 7.55
C ASN A 96 -30.52 6.16 7.23
N TYR A 97 -30.16 6.77 6.11
CA TYR A 97 -30.83 7.99 5.67
C TYR A 97 -32.31 7.77 5.36
N LEU A 98 -32.63 6.72 4.60
CA LEU A 98 -34.03 6.41 4.29
C LEU A 98 -34.83 6.17 5.57
N THR A 99 -34.21 5.51 6.54
CA THR A 99 -34.84 5.29 7.84
C THR A 99 -35.10 6.61 8.58
N GLN A 100 -34.18 7.56 8.52
CA GLN A 100 -34.42 8.87 9.14
C GLN A 100 -35.49 9.64 8.39
N ARG A 101 -35.74 9.23 7.15
CA ARG A 101 -36.77 9.90 6.36
C ARG A 101 -38.12 9.24 6.53
N GLY A 102 -38.17 8.16 7.31
CA GLY A 102 -39.44 7.53 7.62
C GLY A 102 -39.73 6.27 6.83
N ILE A 103 -38.77 5.86 6.00
CA ILE A 103 -38.93 4.62 5.26
C ILE A 103 -38.69 3.43 6.22
N THR A 104 -39.53 2.41 6.11
CA THR A 104 -39.42 1.27 7.01
C THR A 104 -38.81 0.06 6.33
N PHE A 105 -37.75 -0.48 6.94
CA PHE A 105 -37.21 -1.75 6.50
C PHE A 105 -37.67 -2.83 7.45
N SER A 106 -38.23 -3.90 6.91
CA SER A 106 -38.76 -4.97 7.74
C SER A 106 -37.67 -5.73 8.49
N GLY A 107 -38.07 -6.51 9.47
CA GLY A 107 -37.12 -7.35 10.19
C GLY A 107 -36.41 -8.27 9.22
N PHE A 108 -37.13 -8.73 8.21
CA PHE A 108 -36.56 -9.67 7.25
C PHE A 108 -35.51 -8.99 6.37
N GLU A 109 -35.82 -7.77 5.91
CA GLU A 109 -34.87 -7.01 5.11
C GLU A 109 -33.57 -6.76 5.87
N ARG A 110 -33.69 -6.42 7.15
CA ARG A 110 -32.49 -6.09 7.92
C ARG A 110 -31.65 -7.32 8.18
N ILE A 111 -32.29 -8.48 8.33
CA ILE A 111 -31.55 -9.74 8.43
C ILE A 111 -30.77 -10.02 7.14
N MET A 112 -31.38 -9.73 6.00
CA MET A 112 -30.72 -9.96 4.71
C MET A 112 -29.51 -9.03 4.49
N MET A 113 -29.51 -7.86 5.16
CA MET A 113 -28.45 -6.85 5.00
C MET A 113 -27.42 -6.92 6.12
N ARG A 114 -27.60 -7.89 6.99
CA ARG A 114 -26.87 -8.02 8.25
CA ARG A 114 -26.87 -7.98 8.26
C ARG A 114 -25.35 -8.00 8.14
N GLU A 115 -24.83 -8.63 7.09
CA GLU A 115 -23.39 -8.83 7.00
C GLU A 115 -22.69 -7.66 6.30
N ASP A 116 -23.50 -6.71 5.82
CA ASP A 116 -22.98 -5.45 5.26
C ASP A 116 -21.99 -5.58 4.11
N ASN A 117 -22.17 -6.55 3.24
CA ASN A 117 -21.29 -6.71 2.08
C ASN A 117 -21.83 -6.11 0.79
N ASP A 118 -23.05 -5.59 0.84
CA ASP A 118 -23.65 -5.04 -0.38
C ASP A 118 -23.09 -3.67 -0.73
N ILE A 119 -22.75 -3.53 -2.00
CA ILE A 119 -22.27 -2.27 -2.55
C ILE A 119 -22.95 -2.08 -3.91
N VAL A 120 -23.49 -0.91 -4.17
CA VAL A 120 -24.08 -0.68 -5.49
C VAL A 120 -23.27 0.35 -6.27
N ALA A 121 -23.17 0.15 -7.58
CA ALA A 121 -22.58 1.16 -8.46
C ALA A 121 -23.72 1.87 -9.14
N VAL A 122 -23.56 3.16 -9.36
CA VAL A 122 -24.62 3.89 -10.01
C VAL A 122 -24.37 4.03 -11.52
N GLU A 123 -25.38 3.65 -12.30
CA GLU A 123 -25.42 3.80 -13.77
C GLU A 123 -24.46 2.91 -14.56
N HIS A 124 -23.17 2.96 -14.28
CA HIS A 124 -22.19 2.36 -15.20
C HIS A 124 -20.87 2.05 -14.52
N ILE A 125 -20.42 0.81 -14.66
CA ILE A 125 -19.05 0.43 -14.32
C ILE A 125 -18.26 0.24 -15.61
N PRO A 126 -17.22 1.07 -15.83
CA PRO A 126 -16.40 0.91 -17.03
C PRO A 126 -15.67 -0.44 -17.11
N GLY A 127 -15.45 -0.91 -18.34
CA GLY A 127 -14.67 -2.11 -18.57
C GLY A 127 -13.28 -2.03 -17.96
N GLU A 128 -12.70 -0.82 -17.97
CA GLU A 128 -11.37 -0.60 -17.43
C GLU A 128 -11.28 -0.83 -15.91
N ASN A 129 -12.42 -0.86 -15.21
CA ASN A 129 -12.44 -1.17 -13.78
C ASN A 129 -12.43 -2.66 -13.50
N ILE A 130 -12.65 -3.47 -14.52
CA ILE A 130 -12.82 -4.90 -14.30
C ILE A 130 -11.49 -5.62 -14.44
N VAL A 131 -11.09 -6.28 -13.35
CA VAL A 131 -9.79 -6.93 -13.26
C VAL A 131 -9.75 -8.22 -14.05
N GLU A 132 -10.78 -9.05 -13.87
CA GLU A 132 -10.75 -10.41 -14.37
C GLU A 132 -12.12 -11.06 -14.29
N ALA A 133 -12.25 -12.21 -14.92
CA ALA A 133 -13.48 -12.98 -14.84
C ALA A 133 -13.15 -14.43 -14.58
N VAL A 134 -14.07 -15.13 -13.94
CA VAL A 134 -13.96 -16.58 -13.76
C VAL A 134 -15.29 -17.23 -14.16
N GLU A 135 -15.28 -18.15 -15.11
CA GLU A 135 -16.50 -18.90 -15.45
C GLU A 135 -16.82 -19.82 -14.29
N LEU A 136 -18.08 -19.85 -13.87
CA LEU A 136 -18.48 -20.72 -12.75
C LEU A 136 -19.06 -22.03 -13.27
N THR A 137 -18.67 -23.14 -12.65
CA THR A 137 -19.25 -24.43 -13.02
C THR A 137 -20.32 -24.83 -12.01
N TYR A 138 -21.32 -25.58 -12.45
CA TYR A 138 -22.42 -26.00 -11.58
C TYR A 138 -22.68 -27.49 -11.69
N ASP A 139 -22.65 -28.17 -10.54
CA ASP A 139 -23.05 -29.57 -10.46
C ASP A 139 -24.42 -29.63 -9.80
N ARG A 140 -25.44 -29.78 -10.62
CA ARG A 140 -26.81 -29.68 -10.17
C ARG A 140 -27.21 -30.83 -9.23
N PHE A 141 -26.49 -31.95 -9.32
CA PHE A 141 -26.78 -33.12 -8.50
C PHE A 141 -26.39 -32.94 -7.01
N ASN A 142 -25.39 -32.10 -6.76
CA ASN A 142 -24.89 -31.89 -5.39
C ASN A 142 -24.88 -30.42 -4.98
N SER A 143 -25.58 -29.60 -5.78
CA SER A 143 -25.67 -28.15 -5.59
C SER A 143 -24.30 -27.53 -5.33
N GLN A 144 -23.34 -27.86 -6.20
CA GLN A 144 -21.94 -27.50 -6.01
C GLN A 144 -21.48 -26.47 -7.06
N VAL A 145 -20.98 -25.33 -6.61
CA VAL A 145 -20.50 -24.30 -7.52
C VAL A 145 -18.99 -24.17 -7.36
N SER A 146 -18.25 -24.28 -8.47
CA SER A 146 -16.79 -24.12 -8.43
C SER A 146 -16.28 -23.15 -9.50
N ASP A 147 -15.01 -22.83 -9.43
CA ASP A 147 -14.36 -21.96 -10.41
C ASP A 147 -13.93 -22.74 -11.64
N GLY A 148 -14.39 -22.30 -12.82
CA GLY A 148 -13.88 -22.79 -14.09
C GLY A 148 -12.74 -21.91 -14.58
N PRO A 149 -12.57 -21.83 -15.91
CA PRO A 149 -11.47 -21.06 -16.50
C PRO A 149 -11.53 -19.58 -16.13
N GLY A 150 -10.38 -19.00 -15.85
CA GLY A 150 -10.33 -17.58 -15.55
C GLY A 150 -9.81 -16.83 -16.75
N THR A 151 -10.17 -15.56 -16.84
CA THR A 151 -9.71 -14.70 -17.92
C THR A 151 -9.29 -13.36 -17.34
N THR A 152 -8.14 -12.84 -17.78
CA THR A 152 -7.67 -11.54 -17.30
C THR A 152 -8.03 -10.45 -18.29
N ASN A 153 -8.47 -9.31 -17.79
CA ASN A 153 -8.79 -8.18 -18.64
C ASN A 153 -7.51 -7.40 -18.89
N ALA A 154 -6.98 -7.49 -20.11
CA ALA A 154 -5.73 -6.79 -20.43
C ALA A 154 -5.91 -5.27 -20.41
N ARG A 155 -7.16 -4.81 -20.51
CA ARG A 155 -7.48 -3.39 -20.58
C ARG A 155 -7.67 -2.77 -19.19
N TYR A 156 -7.63 -3.60 -18.15
CA TYR A 156 -7.77 -3.10 -16.77
C TYR A 156 -6.81 -1.94 -16.49
N VAL A 157 -7.34 -0.89 -15.87
CA VAL A 157 -6.55 0.26 -15.44
C VAL A 157 -6.31 0.21 -13.94
N PRO A 158 -5.05 -0.04 -13.55
CA PRO A 158 -4.70 -0.18 -12.13
C PRO A 158 -4.77 1.14 -11.38
N GLY A 159 -5.02 1.06 -10.08
CA GLY A 159 -4.97 2.21 -9.20
C GLY A 159 -5.47 1.82 -7.84
N SER A 160 -5.29 2.71 -6.88
CA SER A 160 -5.80 2.48 -5.54
C SER A 160 -6.94 3.46 -5.35
N THR A 161 -8.17 2.96 -5.41
CA THR A 161 -9.35 3.81 -5.33
C THR A 161 -10.34 3.19 -4.35
N PHE A 162 -11.31 3.99 -3.90
CA PHE A 162 -12.23 3.62 -2.82
C PHE A 162 -13.68 3.98 -3.11
N VAL A 163 -14.62 3.28 -2.47
CA VAL A 163 -16.03 3.63 -2.58
C VAL A 163 -16.30 5.05 -2.06
N ASN A 164 -17.42 5.63 -2.50
CA ASN A 164 -17.91 6.86 -1.90
C ASN A 164 -18.49 6.48 -0.53
N PRO A 165 -18.06 7.17 0.54
CA PRO A 165 -18.48 6.75 1.88
C PRO A 165 -19.86 7.28 2.28
N GLY A 166 -20.50 8.04 1.40
CA GLY A 166 -21.68 8.78 1.80
C GLY A 166 -23.02 8.21 1.36
N VAL A 167 -24.03 9.07 1.40
CA VAL A 167 -25.38 8.70 0.98
C VAL A 167 -25.49 8.80 -0.54
N ILE A 168 -26.20 7.85 -1.14
CA ILE A 168 -26.49 7.92 -2.58
C ILE A 168 -27.35 9.16 -2.90
N PRO A 169 -26.87 10.01 -3.83
CA PRO A 169 -27.63 11.21 -4.18
C PRO A 169 -28.88 10.89 -4.97
N GLN A 170 -29.84 11.80 -4.95
CA GLN A 170 -31.05 11.70 -5.74
C GLN A 170 -31.84 10.42 -5.48
N LEU A 171 -31.83 9.95 -4.24
CA LEU A 171 -32.63 8.77 -3.88
C LEU A 171 -34.13 9.05 -4.02
N VAL A 172 -34.89 8.02 -4.39
CA VAL A 172 -36.35 8.12 -4.36
C VAL A 172 -36.86 7.79 -2.96
N VAL A 173 -37.63 8.69 -2.38
CA VAL A 173 -38.18 8.53 -1.04
C VAL A 173 -39.68 8.69 -1.16
N PRO A 174 -40.41 7.57 -1.27
CA PRO A 174 -41.86 7.60 -1.47
C PRO A 174 -42.61 8.21 -0.29
N PRO B 2 22.51 11.26 1.87
CA PRO B 2 22.72 9.93 2.44
C PRO B 2 22.40 8.79 1.51
N GLY B 3 21.32 8.88 0.74
CA GLY B 3 20.88 7.76 -0.06
C GLY B 3 20.19 6.71 0.79
N THR B 4 20.21 6.90 2.10
CA THR B 4 19.61 5.99 3.07
C THR B 4 18.20 5.54 2.70
N ASP B 5 17.94 4.25 2.88
CA ASP B 5 16.59 3.69 2.69
C ASP B 5 15.72 3.95 3.91
N PHE B 6 14.62 4.66 3.71
CA PHE B 6 13.62 4.82 4.76
C PHE B 6 12.32 4.21 4.29
N VAL B 7 11.53 3.72 5.24
CA VAL B 7 10.24 3.14 4.94
C VAL B 7 9.23 3.62 5.98
N TYR B 8 7.96 3.41 5.67
CA TYR B 8 6.85 3.72 6.56
C TYR B 8 6.11 2.48 7.02
N ARG B 9 5.49 2.56 8.18
CA ARG B 9 4.60 1.50 8.62
C ARG B 9 3.45 2.13 9.37
N VAL B 10 2.25 1.70 9.03
CA VAL B 10 1.05 2.12 9.74
C VAL B 10 0.74 1.09 10.81
N ASP B 11 0.48 1.55 12.04
CA ASP B 11 0.22 0.63 13.14
C ASP B 11 -0.72 1.29 14.14
N SER B 12 -1.45 0.50 14.90
CA SER B 12 -2.37 1.06 15.88
C SER B 12 -1.69 1.32 17.22
N ARG B 13 -0.48 0.82 17.40
CA ARG B 13 0.25 1.02 18.65
C ARG B 13 0.91 2.39 18.68
N PRO B 14 0.87 3.05 19.85
CA PRO B 14 1.33 4.44 20.05
C PRO B 14 2.83 4.54 20.21
N PRO B 15 3.38 5.74 19.99
CA PRO B 15 4.84 5.98 19.98
C PRO B 15 5.53 5.64 21.31
N GLU B 16 4.88 5.87 22.44
CA GLU B 16 5.48 5.54 23.72
C GLU B 16 5.92 4.07 23.80
N GLU B 17 5.08 3.18 23.31
CA GLU B 17 5.44 1.77 23.24
C GLU B 17 6.39 1.46 22.09
N ILE B 18 6.10 1.99 20.90
CA ILE B 18 6.88 1.62 19.72
C ILE B 18 8.29 2.20 19.75
N PHE B 19 8.44 3.44 20.25
CA PHE B 19 9.76 4.08 20.27
C PHE B 19 10.70 3.29 21.21
N ARG B 20 10.13 2.74 22.26
CA ARG B 20 10.87 1.93 23.24
C ARG B 20 11.12 0.48 22.79
N ASP B 21 10.07 -0.18 22.33
CA ASP B 21 10.15 -1.62 22.05
C ASP B 21 10.42 -1.99 20.58
N GLY B 22 10.18 -1.06 19.67
CA GLY B 22 10.28 -1.35 18.25
C GLY B 22 9.07 -2.15 17.79
N PHE B 23 9.15 -2.75 16.60
CA PHE B 23 8.09 -3.65 16.13
C PHE B 23 8.59 -5.07 16.21
N ARG B 24 7.72 -6.00 16.60
CA ARG B 24 8.07 -7.41 16.55
C ARG B 24 6.99 -8.18 15.79
N SER B 25 7.37 -9.20 15.03
CA SER B 25 6.39 -9.92 14.22
C SER B 25 5.51 -10.76 15.11
N HIS B 26 4.41 -11.22 14.55
CA HIS B 26 3.53 -12.17 15.25
C HIS B 26 4.21 -13.48 15.63
N GLY B 27 4.96 -14.06 14.71
CA GLY B 27 5.61 -15.32 14.95
C GLY B 27 6.81 -15.56 14.09
N PHE B 28 6.92 -16.77 13.53
CA PHE B 28 8.13 -17.17 12.80
C PHE B 28 7.81 -17.82 11.46
N ASN B 29 6.56 -17.72 11.07
CA ASN B 29 6.08 -18.28 9.80
C ASN B 29 6.61 -17.51 8.60
N ARG B 30 7.56 -18.08 7.87
CA ARG B 30 8.16 -17.40 6.72
C ARG B 30 7.52 -17.81 5.40
N ASN B 31 6.22 -18.08 5.41
CA ASN B 31 5.50 -18.25 4.17
C ASN B 31 5.17 -16.86 3.65
N LEU B 32 5.92 -16.40 2.66
CA LEU B 32 5.81 -15.01 2.21
C LEU B 32 4.45 -14.78 1.54
N GLN B 33 3.97 -15.77 0.81
CA GLN B 33 2.69 -15.59 0.13
C GLN B 33 1.56 -15.42 1.13
N GLN B 34 1.58 -16.19 2.21
CA GLN B 34 0.54 -16.05 3.23
C GLN B 34 0.61 -14.67 3.89
N HIS B 35 1.82 -14.17 4.11
CA HIS B 35 1.96 -12.87 4.71
C HIS B 35 1.39 -11.78 3.79
N LEU B 36 1.78 -11.83 2.52
CA LEU B 36 1.37 -10.79 1.58
C LEU B 36 -0.16 -10.74 1.42
N ARG B 37 -0.81 -11.90 1.57
CA ARG B 37 -2.27 -11.97 1.47
C ARG B 37 -2.95 -11.55 2.78
N GLY B 38 -2.18 -11.41 3.85
CA GLY B 38 -2.75 -11.09 5.13
C GLY B 38 -3.18 -12.31 5.94
N ASP B 39 -2.94 -13.51 5.40
CA ASP B 39 -3.44 -14.73 6.02
C ASP B 39 -2.68 -15.12 7.30
N SER B 40 -1.46 -14.63 7.45
CA SER B 40 -0.68 -14.94 8.65
C SER B 40 -0.55 -13.73 9.57
N CYS B 41 -1.31 -12.67 9.27
CA CYS B 41 -1.26 -11.47 10.10
C CYS B 41 -2.46 -11.40 11.05
N ALA B 42 -2.74 -10.22 11.59
CA ALA B 42 -3.71 -10.06 12.68
C ALA B 42 -5.11 -10.61 12.37
N ALA B 43 -5.50 -10.57 11.11
CA ALA B 43 -6.83 -11.06 10.72
C ALA B 43 -6.81 -12.54 10.37
N GLY B 44 -5.64 -13.16 10.49
CA GLY B 44 -5.50 -14.57 10.14
C GLY B 44 -4.88 -15.43 11.21
N SER B 45 -3.86 -16.21 10.83
CA SER B 45 -3.23 -17.15 11.75
C SER B 45 -2.32 -16.47 12.76
N ARG B 46 -2.02 -15.18 12.57
CA ARG B 46 -1.34 -14.41 13.60
C ARG B 46 0.04 -15.02 13.95
N ASP B 47 0.79 -15.41 12.92
CA ASP B 47 2.12 -15.99 13.20
C ASP B 47 3.17 -15.55 12.20
N SER B 48 2.87 -14.51 11.42
CA SER B 48 3.80 -14.07 10.39
C SER B 48 5.18 -13.75 10.94
N ALA B 49 6.22 -14.12 10.19
CA ALA B 49 7.60 -13.86 10.56
C ALA B 49 8.03 -12.45 10.17
N PHE B 50 7.15 -11.78 9.42
CA PHE B 50 7.47 -10.52 8.76
C PHE B 50 6.72 -9.32 9.33
N ILE B 51 7.37 -8.17 9.27
CA ILE B 51 6.75 -6.90 9.65
C ILE B 51 6.63 -6.08 8.38
N ALA B 52 5.40 -5.76 7.99
CA ALA B 52 5.18 -5.08 6.72
C ALA B 52 5.48 -3.58 6.80
N THR B 53 6.17 -3.07 5.77
CA THR B 53 6.41 -1.64 5.59
C THR B 53 6.26 -1.27 4.11
N THR B 54 6.16 0.02 3.81
CA THR B 54 6.12 0.48 2.42
C THR B 54 6.97 1.72 2.21
N THR B 55 7.52 1.87 1.00
CA THR B 55 8.33 3.04 0.71
C THR B 55 7.45 4.22 0.41
N SER B 56 6.17 3.97 0.17
CA SER B 56 5.30 5.00 -0.38
C SER B 56 4.40 5.71 0.64
N LEU B 57 4.61 7.00 0.82
CA LEU B 57 3.78 7.82 1.70
C LEU B 57 2.30 7.79 1.25
N ILE B 58 2.10 7.83 -0.05
CA ILE B 58 0.77 7.80 -0.62
C ILE B 58 0.05 6.51 -0.23
N GLU B 59 0.75 5.39 -0.31
CA GLU B 59 0.17 4.12 0.08
C GLU B 59 -0.23 4.10 1.56
N THR B 60 0.53 4.76 2.43
CA THR B 60 0.20 4.69 3.87
C THR B 60 -1.18 5.27 4.17
N TYR B 61 -1.57 6.35 3.48
CA TYR B 61 -2.92 6.90 3.69
C TYR B 61 -4.01 5.90 3.30
N ASN B 62 -3.80 5.17 2.21
CA ASN B 62 -4.78 4.19 1.73
C ASN B 62 -4.86 2.98 2.64
N ILE B 63 -3.70 2.55 3.18
CA ILE B 63 -3.68 1.46 4.15
C ILE B 63 -4.43 1.89 5.40
N ALA B 64 -4.14 3.11 5.85
CA ALA B 64 -4.82 3.65 7.03
C ALA B 64 -6.32 3.77 6.80
N ARG B 65 -6.72 4.18 5.61
CA ARG B 65 -8.15 4.30 5.29
C ARG B 65 -8.83 2.93 5.38
N GLN B 66 -8.19 1.92 4.84
CA GLN B 66 -8.79 0.59 4.86
C GLN B 66 -9.00 0.11 6.30
N TYR B 67 -8.04 0.36 7.18
CA TYR B 67 -8.21 -0.06 8.57
C TYR B 67 -9.26 0.77 9.30
N TYR B 68 -9.20 2.09 9.11
CA TYR B 68 -10.14 2.98 9.79
C TYR B 68 -11.58 2.66 9.41
N SER B 69 -11.78 2.23 8.17
CA SER B 69 -13.12 2.02 7.63
C SER B 69 -13.62 0.62 7.87
N SER B 70 -12.78 -0.22 8.47
CA SER B 70 -13.12 -1.63 8.63
C SER B 70 -14.18 -1.81 9.72
N SER B 71 -14.95 -2.89 9.60
CA SER B 71 -16.03 -3.16 10.56
C SER B 71 -15.49 -3.31 11.98
N GLY B 72 -16.08 -2.55 12.91
CA GLY B 72 -15.72 -2.64 14.31
C GLY B 72 -14.43 -1.95 14.73
N PHE B 73 -13.81 -1.17 13.84
CA PHE B 73 -12.54 -0.52 14.20
C PHE B 73 -12.70 0.71 15.08
N HIS B 74 -12.09 0.68 16.26
CA HIS B 74 -12.00 1.88 17.08
C HIS B 74 -10.53 2.13 17.44
N GLY B 75 -10.24 3.30 17.96
CA GLY B 75 -8.87 3.60 18.31
C GLY B 75 -8.15 4.46 17.28
N ARG B 76 -6.83 4.44 17.35
CA ARG B 76 -6.01 5.35 16.56
C ARG B 76 -5.03 4.60 15.69
N LEU B 77 -4.60 5.26 14.61
CA LEU B 77 -3.52 4.75 13.79
C LEU B 77 -2.43 5.80 13.71
N TYR B 78 -1.19 5.34 13.60
CA TYR B 78 -0.03 6.20 13.47
C TYR B 78 0.77 5.81 12.22
N ARG B 79 1.42 6.79 11.60
CA ARG B 79 2.39 6.50 10.55
C ARG B 79 3.80 6.67 11.15
N TYR B 80 4.57 5.59 11.13
CA TYR B 80 5.96 5.60 11.60
C TYR B 80 6.91 5.69 10.42
N ARG B 81 7.96 6.48 10.57
CA ARG B 81 9.02 6.57 9.57
C ARG B 81 10.21 5.83 10.13
N ILE B 82 10.77 4.92 9.34
CA ILE B 82 11.75 3.96 9.84
C ILE B 82 12.98 3.89 8.94
N ARG B 83 14.18 3.91 9.53
CA ARG B 83 15.40 3.65 8.75
C ARG B 83 15.53 2.15 8.46
N ALA B 84 15.60 1.79 7.19
CA ALA B 84 15.76 0.39 6.83
C ALA B 84 17.22 -0.02 6.93
N ASN B 85 17.47 -1.29 7.18
CA ASN B 85 18.82 -1.83 7.13
C ASN B 85 18.74 -3.26 6.60
N ASN B 86 19.74 -4.09 6.89
CA ASN B 86 19.79 -5.41 6.25
C ASN B 86 18.75 -6.38 6.80
N ILE B 87 18.02 -5.96 7.83
CA ILE B 87 16.84 -6.67 8.36
C ILE B 87 15.68 -6.64 7.35
N PHE B 88 15.70 -5.64 6.48
CA PHE B 88 14.60 -5.31 5.58
C PHE B 88 14.86 -5.85 4.16
N TYR B 89 13.84 -6.44 3.55
CA TYR B 89 13.93 -6.95 2.18
C TYR B 89 12.79 -6.45 1.32
N PRO B 90 13.09 -5.86 0.16
CA PRO B 90 12.10 -5.67 -0.89
C PRO B 90 11.53 -7.02 -1.30
N ILE B 91 10.26 -7.12 -1.63
CA ILE B 91 9.69 -8.45 -1.82
C ILE B 91 10.00 -9.10 -3.17
N GLN B 92 10.30 -8.29 -4.19
CA GLN B 92 10.36 -8.83 -5.56
C GLN B 92 11.39 -9.95 -5.77
N PRO B 93 12.62 -9.82 -5.22
CA PRO B 93 13.51 -10.96 -5.46
C PRO B 93 12.99 -12.27 -4.87
N SER B 94 12.31 -12.18 -3.73
CA SER B 94 11.77 -13.41 -3.13
C SER B 94 10.56 -13.92 -3.91
N VAL B 95 9.74 -13.01 -4.42
CA VAL B 95 8.61 -13.42 -5.23
C VAL B 95 9.13 -14.12 -6.49
N ASN B 96 10.19 -13.58 -7.08
CA ASN B 96 10.79 -14.19 -8.26
C ASN B 96 11.37 -15.56 -7.95
N TYR B 97 12.05 -15.67 -6.81
CA TYR B 97 12.58 -16.95 -6.37
C TYR B 97 11.46 -17.97 -6.14
N LEU B 98 10.42 -17.56 -5.44
CA LEU B 98 9.29 -18.47 -5.20
C LEU B 98 8.66 -18.91 -6.51
N THR B 99 8.52 -17.97 -7.45
CA THR B 99 7.99 -18.28 -8.77
C THR B 99 8.83 -19.33 -9.49
N GLN B 100 10.16 -19.22 -9.41
CA GLN B 100 11.07 -20.17 -10.04
C GLN B 100 11.00 -21.53 -9.37
N ARG B 101 10.61 -21.54 -8.09
CA ARG B 101 10.49 -22.79 -7.35
C ARG B 101 9.13 -23.44 -7.59
N GLY B 102 8.26 -22.74 -8.32
CA GLY B 102 6.99 -23.29 -8.73
C GLY B 102 5.80 -22.78 -7.95
N ILE B 103 6.02 -21.74 -7.16
CA ILE B 103 4.91 -21.12 -6.42
C ILE B 103 4.11 -20.24 -7.39
N THR B 104 2.79 -20.30 -7.28
CA THR B 104 1.92 -19.54 -8.17
C THR B 104 1.41 -18.25 -7.54
N PHE B 105 1.69 -17.12 -8.20
CA PHE B 105 1.06 -15.87 -7.83
C PHE B 105 0.00 -15.54 -8.87
N SER B 106 -1.22 -15.30 -8.41
CA SER B 106 -2.34 -15.00 -9.31
C SER B 106 -2.13 -13.66 -9.99
N GLY B 107 -2.84 -13.44 -11.10
CA GLY B 107 -2.78 -12.15 -11.77
C GLY B 107 -3.21 -11.02 -10.84
N PHE B 108 -4.14 -11.32 -9.95
CA PHE B 108 -4.62 -10.32 -9.00
C PHE B 108 -3.51 -9.94 -8.03
N GLU B 109 -2.84 -10.95 -7.47
CA GLU B 109 -1.70 -10.73 -6.59
C GLU B 109 -0.63 -9.89 -7.27
N ARG B 110 -0.36 -10.17 -8.55
CA ARG B 110 0.63 -9.42 -9.31
C ARG B 110 0.21 -7.97 -9.44
N ILE B 111 -1.07 -7.72 -9.65
CA ILE B 111 -1.56 -6.35 -9.74
C ILE B 111 -1.37 -5.60 -8.42
N MET B 112 -1.65 -6.29 -7.32
CA MET B 112 -1.51 -5.69 -6.00
C MET B 112 -0.04 -5.33 -5.70
N MET B 113 0.90 -6.09 -6.27
CA MET B 113 2.34 -5.86 -6.08
C MET B 113 3.02 -4.97 -7.12
N ARG B 114 2.30 -4.53 -8.14
CA ARG B 114 2.95 -3.98 -9.35
C ARG B 114 3.76 -2.69 -9.12
N GLU B 115 3.41 -1.90 -8.11
CA GLU B 115 4.16 -0.67 -7.85
C GLU B 115 5.49 -0.91 -7.11
N ASP B 116 5.69 -2.13 -6.62
CA ASP B 116 6.97 -2.53 -6.02
C ASP B 116 7.41 -1.74 -4.80
N ASN B 117 6.46 -1.32 -3.96
CA ASN B 117 6.83 -0.51 -2.81
C ASN B 117 6.87 -1.30 -1.51
N ASP B 118 6.52 -2.59 -1.59
CA ASP B 118 6.50 -3.44 -0.42
C ASP B 118 7.89 -3.83 0.05
N ILE B 119 8.15 -3.61 1.33
CA ILE B 119 9.39 -4.06 1.96
C ILE B 119 9.03 -4.77 3.27
N VAL B 120 9.62 -5.94 3.54
CA VAL B 120 9.37 -6.59 4.82
C VAL B 120 10.60 -6.65 5.70
N ALA B 121 10.40 -6.46 7.00
CA ALA B 121 11.46 -6.66 7.97
C ALA B 121 11.26 -8.04 8.62
N VAL B 122 12.34 -8.75 8.89
CA VAL B 122 12.17 -10.06 9.51
C VAL B 122 12.34 -9.97 11.02
N GLU B 123 11.34 -10.53 11.72
CA GLU B 123 11.29 -10.68 13.19
C GLU B 123 11.14 -9.41 14.03
N HIS B 124 11.96 -8.38 13.79
CA HIS B 124 12.06 -7.29 14.75
C HIS B 124 12.72 -6.07 14.15
N ILE B 125 12.06 -4.92 14.31
CA ILE B 125 12.63 -3.63 13.97
C ILE B 125 12.93 -2.92 15.28
N PRO B 126 14.22 -2.67 15.59
CA PRO B 126 14.53 -2.00 16.86
C PRO B 126 13.89 -0.61 16.96
N GLY B 127 13.54 -0.19 18.17
CA GLY B 127 13.06 1.16 18.39
C GLY B 127 14.03 2.24 17.93
N GLU B 128 15.34 1.94 17.98
CA GLU B 128 16.35 2.91 17.56
C GLU B 128 16.35 3.16 16.05
N ASN B 129 15.66 2.33 15.28
CA ASN B 129 15.51 2.56 13.82
C ASN B 129 14.36 3.47 13.46
N ILE B 130 13.52 3.76 14.44
CA ILE B 130 12.31 4.51 14.19
C ILE B 130 12.56 6.01 14.41
N VAL B 131 12.34 6.80 13.35
CA VAL B 131 12.66 8.23 13.36
C VAL B 131 11.62 9.03 14.11
N GLU B 132 10.36 8.77 13.79
CA GLU B 132 9.29 9.66 14.22
C GLU B 132 7.95 8.97 13.96
N ALA B 133 6.90 9.52 14.57
CA ALA B 133 5.53 9.03 14.37
C ALA B 133 4.59 10.20 14.11
N VAL B 134 3.55 9.96 13.32
CA VAL B 134 2.51 10.94 13.08
C VAL B 134 1.16 10.29 13.30
N GLU B 135 0.37 10.82 14.25
CA GLU B 135 -0.99 10.34 14.43
C GLU B 135 -1.79 10.67 13.18
N LEU B 136 -2.60 9.73 12.71
CA LEU B 136 -3.43 9.97 11.54
C LEU B 136 -4.83 10.27 11.99
N THR B 137 -5.43 11.31 11.42
CA THR B 137 -6.79 11.68 11.77
C THR B 137 -7.72 11.13 10.68
N TYR B 138 -8.97 10.83 11.04
CA TYR B 138 -9.89 10.22 10.09
C TYR B 138 -11.28 10.86 10.14
N ASP B 139 -11.74 11.31 8.98
CA ASP B 139 -13.11 11.84 8.77
C ASP B 139 -13.92 10.75 8.08
N ARG B 140 -14.73 10.01 8.83
CA ARG B 140 -15.39 8.86 8.22
C ARG B 140 -16.49 9.26 7.26
N PHE B 141 -16.97 10.50 7.35
CA PHE B 141 -18.07 10.88 6.48
C PHE B 141 -17.56 11.30 5.10
N ASN B 142 -16.27 11.61 5.02
CA ASN B 142 -15.69 11.99 3.75
C ASN B 142 -14.51 11.10 3.37
N SER B 143 -14.37 9.98 4.10
CA SER B 143 -13.28 9.03 3.91
C SER B 143 -11.94 9.76 3.80
N GLN B 144 -11.69 10.67 4.73
CA GLN B 144 -10.55 11.56 4.60
C GLN B 144 -9.52 11.30 5.70
N VAL B 145 -8.27 11.09 5.30
CA VAL B 145 -7.20 10.79 6.24
C VAL B 145 -6.11 11.86 6.20
N SER B 146 -5.78 12.45 7.34
CA SER B 146 -4.75 13.48 7.39
C SER B 146 -3.75 13.28 8.51
N ASP B 147 -2.66 14.04 8.46
CA ASP B 147 -1.65 14.05 9.52
C ASP B 147 -2.13 14.82 10.74
N GLY B 148 -2.11 14.18 11.90
CA GLY B 148 -2.35 14.88 13.15
C GLY B 148 -1.02 15.11 13.85
N PRO B 149 -1.04 15.17 15.19
CA PRO B 149 0.14 15.44 16.01
C PRO B 149 1.33 14.54 15.69
N GLY B 150 2.53 15.11 15.52
CA GLY B 150 3.74 14.33 15.29
C GLY B 150 4.64 14.24 16.52
N THR B 151 5.43 13.18 16.62
CA THR B 151 6.38 13.00 17.72
C THR B 151 7.71 12.47 17.21
N THR B 152 8.80 13.06 17.69
CA THR B 152 10.13 12.64 17.27
C THR B 152 10.68 11.64 18.28
N ASN B 153 11.38 10.62 17.80
CA ASN B 153 12.01 9.65 18.68
C ASN B 153 13.39 10.13 19.11
N ALA B 154 13.52 10.52 20.39
CA ALA B 154 14.79 11.02 20.89
C ALA B 154 15.85 9.92 20.94
N ARG B 155 15.41 8.67 20.90
CA ARG B 155 16.33 7.54 20.96
C ARG B 155 16.76 7.02 19.58
N TYR B 156 16.29 7.66 18.51
CA TYR B 156 16.65 7.24 17.14
C TYR B 156 18.16 7.28 16.93
N VAL B 157 18.70 6.29 16.23
CA VAL B 157 20.14 6.20 15.98
C VAL B 157 20.42 6.49 14.51
N PRO B 158 21.02 7.66 14.22
CA PRO B 158 21.24 8.06 12.83
C PRO B 158 22.25 7.17 12.09
N GLY B 159 22.15 7.14 10.77
CA GLY B 159 23.06 6.36 9.95
C GLY B 159 22.60 6.31 8.50
N SER B 160 23.48 5.86 7.63
CA SER B 160 23.13 5.62 6.24
C SER B 160 23.18 4.12 6.02
N THR B 161 22.01 3.50 5.99
CA THR B 161 21.95 2.04 5.83
C THR B 161 20.93 1.69 4.76
N PHE B 162 21.01 0.46 4.26
CA PHE B 162 20.23 0.06 3.11
C PHE B 162 19.60 -1.31 3.36
N VAL B 163 18.55 -1.61 2.60
CA VAL B 163 17.93 -2.93 2.66
C VAL B 163 18.89 -4.02 2.18
N ASN B 164 18.61 -5.26 2.56
CA ASN B 164 19.26 -6.41 2.00
C ASN B 164 18.70 -6.65 0.60
N PRO B 165 19.58 -6.71 -0.42
CA PRO B 165 19.18 -6.76 -1.83
C PRO B 165 18.72 -8.14 -2.30
N GLY B 166 18.86 -9.13 -1.45
CA GLY B 166 18.69 -10.50 -1.89
C GLY B 166 17.37 -11.16 -1.56
N VAL B 167 17.39 -12.50 -1.64
CA VAL B 167 16.24 -13.34 -1.29
C VAL B 167 16.16 -13.50 0.22
N ILE B 168 14.93 -13.50 0.74
CA ILE B 168 14.72 -13.74 2.16
C ILE B 168 15.18 -15.16 2.52
N PRO B 169 16.03 -15.29 3.55
CA PRO B 169 16.52 -16.60 3.98
C PRO B 169 15.40 -17.43 4.59
N GLN B 170 15.56 -18.74 4.54
CA GLN B 170 14.68 -19.70 5.21
C GLN B 170 13.21 -19.55 4.82
N LEU B 171 12.92 -19.23 3.55
CA LEU B 171 11.54 -19.14 3.10
C LEU B 171 10.84 -20.49 3.18
N VAL B 172 9.55 -20.44 3.47
CA VAL B 172 8.68 -21.61 3.41
C VAL B 172 8.26 -21.77 1.97
N VAL B 173 8.54 -22.93 1.39
CA VAL B 173 8.13 -23.22 0.01
C VAL B 173 7.31 -24.50 -0.02
N PRO B 174 5.98 -24.37 -0.03
CA PRO B 174 5.07 -25.52 -0.10
C PRO B 174 5.24 -26.29 -1.41
N THR B 175 4.89 -27.57 -1.43
CA THR B 175 5.03 -28.36 -2.64
C THR B 175 3.68 -28.63 -3.32
N GLY C 1 14.82 -23.14 20.14
CA GLY C 1 14.38 -24.50 19.89
C GLY C 1 15.37 -25.27 19.05
N PRO C 2 15.06 -26.54 18.78
CA PRO C 2 15.89 -27.44 17.97
C PRO C 2 16.37 -26.80 16.68
N GLY C 3 17.68 -26.87 16.45
CA GLY C 3 18.26 -26.37 15.21
C GLY C 3 18.82 -24.97 15.31
N THR C 4 18.31 -24.17 16.26
CA THR C 4 18.66 -22.76 16.34
C THR C 4 20.16 -22.45 16.38
N ASP C 5 20.57 -21.42 15.64
CA ASP C 5 21.93 -20.92 15.68
C ASP C 5 22.15 -20.06 16.92
N PHE C 6 23.11 -20.46 17.76
CA PHE C 6 23.53 -19.63 18.90
C PHE C 6 25.01 -19.29 18.75
N VAL C 7 25.38 -18.08 19.17
CA VAL C 7 26.77 -17.67 19.15
C VAL C 7 27.17 -17.05 20.47
N TYR C 8 28.48 -16.89 20.66
CA TYR C 8 29.02 -16.25 21.85
C TYR C 8 29.71 -14.95 21.51
N ARG C 9 29.72 -14.04 22.46
CA ARG C 9 30.54 -12.83 22.36
C ARG C 9 31.17 -12.53 23.71
N VAL C 10 32.47 -12.30 23.71
CA VAL C 10 33.18 -11.86 24.89
C VAL C 10 33.21 -10.32 24.90
N ASP C 11 32.80 -9.70 25.99
CA ASP C 11 32.73 -8.23 26.06
C ASP C 11 32.99 -7.74 27.49
N SER C 12 33.46 -6.51 27.63
CA SER C 12 33.71 -5.96 28.96
C SER C 12 32.47 -5.28 29.57
N ARG C 13 31.48 -4.99 28.75
CA ARG C 13 30.28 -4.34 29.29
C ARG C 13 29.43 -5.33 30.07
N PRO C 14 28.82 -4.87 31.18
CA PRO C 14 28.10 -5.76 32.09
C PRO C 14 26.67 -6.04 31.66
N PRO C 15 26.10 -7.15 32.18
CA PRO C 15 24.78 -7.63 31.75
C PRO C 15 23.66 -6.61 31.94
N GLU C 16 23.69 -5.81 33.00
CA GLU C 16 22.56 -4.89 33.24
C GLU C 16 22.44 -3.91 32.06
N GLU C 17 23.58 -3.53 31.49
CA GLU C 17 23.60 -2.72 30.26
C GLU C 17 23.24 -3.53 29.01
N ILE C 18 23.93 -4.65 28.81
CA ILE C 18 23.81 -5.44 27.58
C ILE C 18 22.45 -6.12 27.44
N PHE C 19 21.88 -6.61 28.53
CA PHE C 19 20.59 -7.29 28.48
C PHE C 19 19.49 -6.32 28.02
N ARG C 20 19.69 -5.05 28.34
CA ARG C 20 18.73 -3.99 27.99
C ARG C 20 19.01 -3.38 26.61
N ASP C 21 20.26 -3.00 26.38
CA ASP C 21 20.64 -2.22 25.19
C ASP C 21 21.14 -3.08 24.03
N GLY C 22 21.55 -4.31 24.31
CA GLY C 22 22.17 -5.14 23.29
C GLY C 22 23.57 -4.66 22.92
N PHE C 23 24.07 -5.13 21.79
CA PHE C 23 25.35 -4.67 21.27
C PHE C 23 25.16 -3.75 20.08
N ARG C 24 26.01 -2.74 19.95
CA ARG C 24 26.00 -1.89 18.75
C ARG C 24 27.44 -1.71 18.20
N SER C 25 27.57 -1.72 16.87
CA SER C 25 28.87 -1.62 16.23
C SER C 25 29.47 -0.25 16.47
N HIS C 26 30.78 -0.11 16.27
CA HIS C 26 31.43 1.20 16.43
C HIS C 26 30.91 2.21 15.39
N GLY C 27 30.71 1.75 14.16
CA GLY C 27 30.29 2.65 13.11
C GLY C 27 29.64 1.92 11.96
N PHE C 28 29.96 2.33 10.73
CA PHE C 28 29.30 1.80 9.54
C PHE C 28 30.27 1.36 8.44
N ASN C 29 31.54 1.20 8.81
CA ASN C 29 32.61 0.75 7.90
C ASN C 29 32.51 -0.73 7.58
N ARG C 30 32.08 -1.06 6.37
CA ARG C 30 31.92 -2.46 5.99
C ARG C 30 33.13 -3.03 5.25
N ASN C 31 34.32 -2.54 5.58
CA ASN C 31 35.53 -3.19 5.08
C ASN C 31 35.77 -4.42 5.96
N LEU C 32 35.38 -5.59 5.46
CA LEU C 32 35.42 -6.82 6.27
C LEU C 32 36.85 -7.22 6.66
N GLN C 33 37.78 -7.09 5.73
CA GLN C 33 39.17 -7.46 6.04
C GLN C 33 39.76 -6.59 7.14
N GLN C 34 39.48 -5.28 7.10
CA GLN C 34 39.90 -4.40 8.19
C GLN C 34 39.31 -4.89 9.51
N HIS C 35 38.03 -5.23 9.50
CA HIS C 35 37.40 -5.72 10.71
C HIS C 35 38.07 -6.99 11.25
N LEU C 36 38.26 -7.98 10.40
CA LEU C 36 38.79 -9.28 10.83
C LEU C 36 40.20 -9.16 11.39
N ARG C 37 40.95 -8.18 10.91
CA ARG C 37 42.28 -7.89 11.46
C ARG C 37 42.25 -7.13 12.77
N GLY C 38 41.19 -6.40 13.03
CA GLY C 38 41.14 -5.57 14.22
C GLY C 38 41.42 -4.11 13.91
N ASP C 39 41.68 -3.81 12.64
CA ASP C 39 42.05 -2.46 12.23
C ASP C 39 40.93 -1.45 12.42
N SER C 40 39.69 -1.91 12.49
CA SER C 40 38.57 -0.99 12.59
C SER C 40 37.83 -1.13 13.93
N CYS C 41 38.41 -1.89 14.85
CA CYS C 41 37.75 -2.11 16.15
C CYS C 41 38.38 -1.22 17.24
N ALA C 42 38.22 -1.58 18.51
CA ALA C 42 38.58 -0.69 19.61
C ALA C 42 40.04 -0.25 19.58
N ALA C 43 40.92 -1.12 19.10
CA ALA C 43 42.35 -0.80 19.07
C ALA C 43 42.72 -0.06 17.78
N GLY C 44 41.73 0.21 16.94
CA GLY C 44 42.00 0.83 15.65
C GLY C 44 41.18 2.08 15.38
N SER C 45 40.57 2.14 14.20
CA SER C 45 39.81 3.31 13.79
C SER C 45 38.44 3.41 14.46
N ARG C 46 38.05 2.34 15.15
CA ARG C 46 36.82 2.31 15.94
C ARG C 46 35.62 2.74 15.10
N ASP C 47 35.47 2.17 13.92
CA ASP C 47 34.31 2.49 13.08
C ASP C 47 33.74 1.28 12.37
N SER C 48 34.12 0.09 12.79
CA SER C 48 33.62 -1.14 12.19
C SER C 48 32.09 -1.20 12.15
N ALA C 49 31.58 -1.70 11.03
CA ALA C 49 30.15 -1.95 10.87
C ALA C 49 29.70 -3.20 11.59
N PHE C 50 30.67 -4.02 12.01
CA PHE C 50 30.37 -5.38 12.42
C PHE C 50 30.54 -5.62 13.92
N ILE C 51 29.76 -6.56 14.45
CA ILE C 51 29.91 -6.99 15.83
C ILE C 51 30.39 -8.43 15.84
N ALA C 52 31.59 -8.66 16.37
CA ALA C 52 32.21 -9.98 16.28
C ALA C 52 31.59 -10.98 17.25
N THR C 53 31.34 -12.21 16.78
CA THR C 53 30.87 -13.30 17.63
C THR C 53 31.54 -14.60 17.17
N THR C 54 31.40 -15.67 17.95
CA THR C 54 31.94 -16.97 17.53
C THR C 54 31.01 -18.10 17.95
N THR C 55 30.97 -19.17 17.17
CA THR C 55 30.14 -20.33 17.52
C THR C 55 30.82 -21.20 18.57
N SER C 56 32.11 -20.98 18.76
CA SER C 56 32.95 -21.89 19.54
C SER C 56 33.20 -21.45 20.99
N LEU C 57 32.66 -22.22 21.93
CA LEU C 57 32.88 -21.98 23.36
C LEU C 57 34.37 -22.02 23.72
N ILE C 58 35.10 -22.94 23.08
CA ILE C 58 36.53 -23.09 23.31
C ILE C 58 37.28 -21.82 22.92
N GLU C 59 36.95 -21.27 21.75
CA GLU C 59 37.53 -20.01 21.30
C GLU C 59 37.26 -18.85 22.27
N THR C 60 36.09 -18.83 22.91
CA THR C 60 35.78 -17.71 23.80
C THR C 60 36.78 -17.60 24.93
N TYR C 61 37.19 -18.73 25.52
CA TYR C 61 38.19 -18.69 26.58
C TYR C 61 39.51 -18.13 26.09
N ASN C 62 39.87 -18.45 24.85
CA ASN C 62 41.13 -18.00 24.26
C ASN C 62 41.10 -16.51 23.94
N ILE C 63 39.97 -16.04 23.42
CA ILE C 63 39.76 -14.61 23.23
C ILE C 63 39.85 -13.83 24.54
N ALA C 64 39.19 -14.33 25.59
CA ALA C 64 39.24 -13.65 26.89
C ALA C 64 40.67 -13.60 27.45
N ARG C 65 41.39 -14.72 27.30
CA ARG C 65 42.78 -14.80 27.75
C ARG C 65 43.62 -13.73 27.06
N GLN C 66 43.39 -13.59 25.76
CA GLN C 66 44.13 -12.59 24.98
C GLN C 66 43.90 -11.19 25.54
N TYR C 67 42.65 -10.88 25.87
CA TYR C 67 42.31 -9.55 26.39
C TYR C 67 42.82 -9.39 27.82
N TYR C 68 42.60 -10.41 28.64
CA TYR C 68 43.03 -10.38 30.03
C TYR C 68 44.54 -10.18 30.20
N SER C 69 45.34 -10.74 29.29
CA SER C 69 46.79 -10.70 29.46
C SER C 69 47.40 -9.51 28.71
N SER C 70 46.56 -8.70 28.08
CA SER C 70 47.08 -7.55 27.34
C SER C 70 47.35 -6.40 28.32
N SER C 71 48.40 -5.64 28.04
CA SER C 71 48.87 -4.62 28.99
C SER C 71 47.86 -3.49 29.14
N GLY C 72 47.68 -3.03 30.38
CA GLY C 72 46.75 -1.96 30.62
C GLY C 72 45.30 -2.41 30.69
N PHE C 73 45.05 -3.71 30.51
CA PHE C 73 43.69 -4.21 30.65
C PHE C 73 43.25 -4.15 32.11
N HIS C 74 42.04 -3.63 32.31
CA HIS C 74 41.47 -3.56 33.63
C HIS C 74 40.01 -4.00 33.61
N GLY C 75 39.54 -4.55 34.73
CA GLY C 75 38.14 -4.90 34.81
C GLY C 75 37.92 -6.36 34.53
N ARG C 76 36.68 -6.71 34.22
CA ARG C 76 36.32 -8.11 34.00
C ARG C 76 35.68 -8.28 32.63
N LEU C 77 35.58 -9.52 32.20
CA LEU C 77 34.99 -9.86 30.92
C LEU C 77 33.84 -10.81 31.15
N TYR C 78 32.86 -10.77 30.25
CA TYR C 78 31.70 -11.64 30.30
C TYR C 78 31.60 -12.41 28.99
N ARG C 79 31.14 -13.65 29.05
CA ARG C 79 30.78 -14.38 27.85
C ARG C 79 29.26 -14.33 27.71
N TYR C 80 28.79 -13.73 26.63
CA TYR C 80 27.36 -13.67 26.35
C TYR C 80 26.94 -14.76 25.38
N ARG C 81 25.83 -15.42 25.66
CA ARG C 81 25.27 -16.36 24.70
C ARG C 81 24.12 -15.68 23.96
N ILE C 82 24.12 -15.77 22.64
CA ILE C 82 23.21 -14.95 21.83
C ILE C 82 22.51 -15.80 20.78
N ARG C 83 21.19 -15.63 20.64
CA ARG C 83 20.50 -16.24 19.53
C ARG C 83 20.77 -15.48 18.24
N ALA C 84 21.29 -16.18 17.24
CA ALA C 84 21.58 -15.57 15.95
C ALA C 84 20.34 -15.55 15.05
N ASN C 85 20.24 -14.53 14.22
CA ASN C 85 19.20 -14.45 13.19
C ASN C 85 19.78 -13.84 11.92
N ASN C 86 18.94 -13.29 11.04
CA ASN C 86 19.42 -12.89 9.71
C ASN C 86 20.32 -11.65 9.67
N ILE C 87 20.47 -10.98 10.79
CA ILE C 87 21.45 -9.90 10.86
C ILE C 87 22.88 -10.45 11.08
N PHE C 88 22.98 -11.74 11.37
CA PHE C 88 24.27 -12.41 11.61
C PHE C 88 24.73 -13.13 10.34
N TYR C 89 26.02 -13.02 10.00
CA TYR C 89 26.59 -13.65 8.81
C TYR C 89 27.86 -14.45 9.12
N PRO C 90 27.90 -15.74 8.76
CA PRO C 90 29.20 -16.41 8.80
C PRO C 90 30.11 -15.74 7.78
N ILE C 91 31.40 -15.65 8.04
CA ILE C 91 32.23 -14.82 7.18
C ILE C 91 32.66 -15.48 5.85
N GLN C 92 32.63 -16.81 5.76
CA GLN C 92 33.22 -17.45 4.57
C GLN C 92 32.60 -17.05 3.22
N PRO C 93 31.26 -16.96 3.10
CA PRO C 93 30.75 -16.54 1.80
C PRO C 93 31.26 -15.16 1.37
N SER C 94 31.44 -14.28 2.34
CA SER C 94 31.93 -12.93 2.05
C SER C 94 33.42 -12.95 1.71
N VAL C 95 34.19 -13.78 2.40
CA VAL C 95 35.61 -13.88 2.08
C VAL C 95 35.81 -14.42 0.66
N ASN C 96 35.02 -15.42 0.30
CA ASN C 96 35.06 -15.98 -1.04
C ASN C 96 34.67 -14.94 -2.08
N TYR C 97 33.61 -14.18 -1.80
CA TYR C 97 33.21 -13.12 -2.71
C TYR C 97 34.31 -12.08 -2.89
N LEU C 98 34.89 -11.62 -1.79
CA LEU C 98 35.95 -10.64 -1.86
C LEU C 98 37.12 -11.19 -2.66
N THR C 99 37.42 -12.47 -2.47
CA THR C 99 38.46 -13.13 -3.23
C THR C 99 38.09 -13.14 -4.71
N GLN C 100 36.83 -13.42 -5.02
CA GLN C 100 36.41 -13.38 -6.41
C GLN C 100 36.41 -11.95 -6.99
N ARG C 101 36.45 -10.94 -6.13
CA ARG C 101 36.54 -9.55 -6.59
C ARG C 101 37.98 -9.07 -6.68
N GLY C 102 38.91 -9.95 -6.32
CA GLY C 102 40.33 -9.63 -6.47
C GLY C 102 41.03 -9.21 -5.20
N ILE C 103 40.33 -9.26 -4.07
CA ILE C 103 40.93 -8.93 -2.79
C ILE C 103 41.85 -10.09 -2.36
N THR C 104 43.01 -9.79 -1.78
CA THR C 104 43.94 -10.84 -1.37
C THR C 104 43.96 -11.04 0.16
N PHE C 105 43.74 -12.28 0.58
CA PHE C 105 43.92 -12.67 1.98
C PHE C 105 45.24 -13.42 2.14
N SER C 106 46.06 -13.00 3.11
CA SER C 106 47.38 -13.58 3.30
C SER C 106 47.29 -15.04 3.76
N GLY C 107 48.41 -15.75 3.68
CA GLY C 107 48.46 -17.10 4.21
C GLY C 107 48.09 -17.09 5.68
N PHE C 108 48.55 -16.05 6.38
CA PHE C 108 48.32 -15.95 7.81
C PHE C 108 46.85 -15.71 8.13
N GLU C 109 46.22 -14.79 7.39
CA GLU C 109 44.80 -14.48 7.58
C GLU C 109 43.96 -15.73 7.40
N ARG C 110 44.30 -16.53 6.40
CA ARG C 110 43.55 -17.74 6.12
C ARG C 110 43.75 -18.79 7.19
N ILE C 111 44.95 -18.83 7.75
CA ILE C 111 45.22 -19.71 8.88
C ILE C 111 44.37 -19.30 10.09
N MET C 112 44.23 -18.00 10.32
CA MET C 112 43.43 -17.50 11.43
C MET C 112 41.95 -17.82 11.26
N MET C 113 41.50 -18.00 10.02
CA MET C 113 40.09 -18.26 9.74
C MET C 113 39.75 -19.74 9.52
N ARG C 114 40.73 -20.63 9.66
CA ARG C 114 40.56 -21.97 9.10
C ARG C 114 39.49 -22.85 9.76
N GLU C 115 39.12 -22.59 11.02
CA GLU C 115 38.08 -23.42 11.63
C GLU C 115 36.67 -22.89 11.40
N ASP C 116 36.57 -21.74 10.73
CA ASP C 116 35.29 -21.20 10.29
C ASP C 116 34.25 -20.99 11.38
N ASN C 117 34.68 -20.54 12.55
CA ASN C 117 33.72 -20.27 13.61
C ASN C 117 33.32 -18.79 13.74
N ASP C 118 33.90 -17.92 12.92
CA ASP C 118 33.57 -16.50 13.03
C ASP C 118 32.25 -16.14 12.36
N ILE C 119 31.45 -15.37 13.09
CA ILE C 119 30.17 -14.87 12.60
C ILE C 119 30.11 -13.40 12.98
N VAL C 120 29.71 -12.53 12.04
CA VAL C 120 29.56 -11.14 12.40
C VAL C 120 28.10 -10.73 12.34
N ALA C 121 27.72 -9.86 13.26
CA ALA C 121 26.41 -9.25 13.21
C ALA C 121 26.58 -7.87 12.64
N VAL C 122 25.62 -7.42 11.85
CA VAL C 122 25.75 -6.09 11.29
C VAL C 122 24.96 -5.04 12.10
N GLU C 123 25.67 -3.97 12.47
CA GLU C 123 25.12 -2.79 13.16
C GLU C 123 24.67 -3.01 14.61
N HIS C 124 23.77 -3.96 14.86
CA HIS C 124 23.08 -4.02 16.16
C HIS C 124 22.50 -5.40 16.50
N ILE C 125 22.86 -5.92 17.68
CA ILE C 125 22.18 -7.10 18.24
C ILE C 125 21.26 -6.64 19.37
N PRO C 126 19.94 -6.80 19.20
CA PRO C 126 19.02 -6.40 20.27
C PRO C 126 19.26 -7.16 21.58
N GLY C 127 18.99 -6.49 22.69
CA GLY C 127 19.07 -7.14 23.99
C GLY C 127 18.22 -8.38 24.06
N GLU C 128 17.09 -8.37 23.35
CA GLU C 128 16.16 -9.50 23.35
C GLU C 128 16.76 -10.79 22.77
N ASN C 129 17.83 -10.68 21.99
CA ASN C 129 18.49 -11.85 21.41
C ASN C 129 19.46 -12.49 22.40
N ILE C 130 19.74 -11.79 23.48
CA ILE C 130 20.80 -12.25 24.36
C ILE C 130 20.22 -13.14 25.46
N VAL C 131 20.68 -14.38 25.50
CA VAL C 131 20.11 -15.40 26.38
C VAL C 131 20.57 -15.23 27.83
N GLU C 132 21.88 -15.06 28.00
CA GLU C 132 22.50 -15.14 29.31
C GLU C 132 23.92 -14.63 29.27
N ALA C 133 24.50 -14.42 30.44
CA ALA C 133 25.88 -14.01 30.53
C ALA C 133 26.58 -14.80 31.62
N VAL C 134 27.87 -14.99 31.43
CA VAL C 134 28.73 -15.60 32.43
C VAL C 134 29.95 -14.72 32.62
N GLU C 135 30.19 -14.29 33.85
CA GLU C 135 31.39 -13.55 34.19
C GLU C 135 32.59 -14.50 34.12
N LEU C 136 33.68 -14.05 33.50
CA LEU C 136 34.88 -14.88 33.37
C LEU C 136 35.88 -14.53 34.45
N THR C 137 36.44 -15.55 35.10
CA THR C 137 37.49 -15.34 36.10
C THR C 137 38.85 -15.58 35.46
N TYR C 138 39.88 -14.87 35.92
CA TYR C 138 41.21 -14.99 35.34
C TYR C 138 42.25 -15.14 36.44
N ASP C 139 43.03 -16.22 36.35
CA ASP C 139 44.19 -16.44 37.22
C ASP C 139 45.43 -16.17 36.37
N ARG C 140 46.03 -14.98 36.54
CA ARG C 140 47.10 -14.56 35.64
C ARG C 140 48.38 -15.37 35.86
N PHE C 141 48.55 -15.94 37.04
CA PHE C 141 49.74 -16.72 37.34
C PHE C 141 49.79 -18.05 36.57
N ASN C 142 48.63 -18.56 36.22
CA ASN C 142 48.55 -19.83 35.53
C ASN C 142 47.80 -19.73 34.20
N SER C 143 47.61 -18.49 33.76
CA SER C 143 46.88 -18.17 32.52
C SER C 143 45.59 -18.99 32.42
N GLN C 144 44.81 -18.98 33.49
CA GLN C 144 43.65 -19.85 33.61
C GLN C 144 42.34 -19.05 33.59
N VAL C 145 41.46 -19.36 32.64
CA VAL C 145 40.18 -18.67 32.54
C VAL C 145 39.05 -19.67 32.81
N SER C 146 38.17 -19.33 33.75
CA SER C 146 37.00 -20.18 34.03
C SER C 146 35.71 -19.38 34.17
N ASP C 147 34.60 -20.09 34.29
CA ASP C 147 33.28 -19.47 34.46
C ASP C 147 33.03 -19.04 35.89
N GLY C 148 32.71 -17.77 36.09
CA GLY C 148 32.21 -17.30 37.36
C GLY C 148 30.68 -17.33 37.34
N PRO C 149 30.04 -16.47 38.14
CA PRO C 149 28.57 -16.46 38.25
C PRO C 149 27.91 -16.15 36.91
N GLY C 150 26.80 -16.83 36.63
CA GLY C 150 26.04 -16.59 35.41
C GLY C 150 24.77 -15.82 35.72
N THR C 151 24.23 -15.14 34.71
CA THR C 151 22.99 -14.38 34.83
C THR C 151 22.10 -14.67 33.64
N THR C 152 20.81 -14.86 33.88
CA THR C 152 19.86 -15.09 32.82
C THR C 152 19.15 -13.80 32.48
N ASN C 153 18.99 -13.54 31.19
CA ASN C 153 18.31 -12.32 30.72
C ASN C 153 16.82 -12.57 30.66
N ALA C 154 16.08 -11.97 31.59
CA ALA C 154 14.63 -12.14 31.63
C ALA C 154 13.93 -11.56 30.41
N ARG C 155 14.60 -10.66 29.68
CA ARG C 155 14.00 -10.08 28.47
C ARG C 155 14.19 -10.88 27.20
N TYR C 156 14.97 -11.97 27.27
CA TYR C 156 15.20 -12.81 26.10
C TYR C 156 13.90 -13.26 25.46
N VAL C 157 13.85 -13.12 24.13
CA VAL C 157 12.72 -13.60 23.35
C VAL C 157 13.08 -14.90 22.66
N PRO C 158 12.47 -16.00 23.10
CA PRO C 158 12.80 -17.31 22.53
C PRO C 158 12.30 -17.44 21.11
N GLY C 159 12.96 -18.30 20.36
CA GLY C 159 12.55 -18.63 19.02
C GLY C 159 13.59 -19.52 18.37
N SER C 160 13.26 -20.06 17.21
CA SER C 160 14.21 -20.86 16.45
C SER C 160 14.57 -20.07 15.20
N THR C 161 15.76 -19.49 15.18
CA THR C 161 16.17 -18.63 14.06
C THR C 161 17.60 -18.95 13.64
N PHE C 162 17.97 -18.50 12.45
CA PHE C 162 19.22 -18.89 11.81
C PHE C 162 19.96 -17.70 11.18
N VAL C 163 21.27 -17.83 11.03
CA VAL C 163 22.06 -16.80 10.36
C VAL C 163 21.63 -16.60 8.91
N ASN C 164 21.97 -15.43 8.36
CA ASN C 164 21.81 -15.22 6.92
C ASN C 164 22.91 -16.02 6.22
N PRO C 165 22.55 -16.83 5.22
CA PRO C 165 23.52 -17.75 4.63
C PRO C 165 24.39 -17.11 3.56
N GLY C 166 24.13 -15.85 3.25
CA GLY C 166 24.73 -15.27 2.06
C GLY C 166 25.90 -14.35 2.30
N VAL C 167 26.18 -13.58 1.28
CA VAL C 167 27.21 -12.55 1.32
C VAL C 167 26.69 -11.32 2.03
N ILE C 168 27.56 -10.71 2.83
CA ILE C 168 27.23 -9.42 3.46
C ILE C 168 26.99 -8.33 2.40
N PRO C 169 25.83 -7.65 2.46
CA PRO C 169 25.52 -6.57 1.51
C PRO C 169 26.38 -5.34 1.75
N GLN C 170 26.52 -4.52 0.71
CA GLN C 170 27.22 -3.24 0.81
C GLN C 170 28.66 -3.34 1.34
N LEU C 171 29.34 -4.43 1.00
CA LEU C 171 30.75 -4.57 1.40
C LEU C 171 31.63 -3.49 0.76
N VAL C 172 32.67 -3.10 1.48
CA VAL C 172 33.70 -2.23 0.91
C VAL C 172 34.73 -3.10 0.18
N VAL C 173 34.95 -2.78 -1.09
CA VAL C 173 35.89 -3.51 -1.94
C VAL C 173 36.87 -2.51 -2.53
N PRO C 174 38.04 -2.36 -1.87
CA PRO C 174 39.08 -1.42 -2.30
C PRO C 174 39.68 -1.76 -3.66
N THR C 175 40.03 -0.75 -4.44
CA THR C 175 40.78 -0.94 -5.67
C THR C 175 42.19 -0.41 -5.50
N GLY D 1 -32.67 14.97 -20.96
CA GLY D 1 -34.02 15.44 -20.71
C GLY D 1 -34.06 16.59 -19.72
N PRO D 2 -35.26 17.08 -19.43
CA PRO D 2 -35.49 18.18 -18.49
C PRO D 2 -34.72 18.02 -17.18
N GLY D 3 -33.97 19.06 -16.82
CA GLY D 3 -33.27 19.09 -15.55
C GLY D 3 -31.83 18.66 -15.60
N THR D 4 -31.47 17.85 -16.60
CA THR D 4 -30.15 17.23 -16.68
C THR D 4 -28.99 18.21 -16.58
N ASP D 5 -27.99 17.82 -15.79
CA ASP D 5 -26.75 18.59 -15.70
C ASP D 5 -25.86 18.29 -16.90
N PHE D 6 -25.53 19.33 -17.66
CA PHE D 6 -24.54 19.18 -18.72
C PHE D 6 -23.38 20.12 -18.45
N VAL D 7 -22.17 19.68 -18.80
CA VAL D 7 -20.98 20.51 -18.68
C VAL D 7 -20.15 20.49 -19.97
N TYR D 8 -19.20 21.43 -20.04
CA TYR D 8 -18.26 21.51 -21.15
C TYR D 8 -16.82 21.25 -20.69
N ARG D 9 -16.02 20.73 -21.61
CA ARG D 9 -14.59 20.63 -21.38
C ARG D 9 -13.86 20.99 -22.66
N VAL D 10 -12.85 21.86 -22.53
CA VAL D 10 -11.96 22.17 -23.64
C VAL D 10 -10.77 21.23 -23.57
N ASP D 11 -10.44 20.57 -24.67
CA ASP D 11 -9.32 19.63 -24.67
C ASP D 11 -8.67 19.58 -26.05
N SER D 12 -7.40 19.20 -26.08
CA SER D 12 -6.66 19.14 -27.35
C SER D 12 -6.81 17.78 -28.04
N ARG D 13 -7.31 16.79 -27.31
CA ARG D 13 -7.51 15.44 -27.87
C ARG D 13 -8.72 15.51 -28.79
N PRO D 14 -8.66 14.85 -29.97
CA PRO D 14 -9.72 14.92 -30.99
C PRO D 14 -10.86 13.90 -30.72
N PRO D 15 -12.04 14.14 -31.31
CA PRO D 15 -13.29 13.42 -30.98
C PRO D 15 -13.37 11.92 -31.14
N GLU D 16 -12.78 11.32 -32.17
CA GLU D 16 -12.96 9.89 -32.34
C GLU D 16 -12.35 9.14 -31.16
N GLU D 17 -11.24 9.67 -30.65
CA GLU D 17 -10.56 9.10 -29.48
C GLU D 17 -11.42 9.26 -28.23
N ILE D 18 -11.86 10.48 -27.99
CA ILE D 18 -12.60 10.81 -26.79
C ILE D 18 -13.99 10.16 -26.75
N PHE D 19 -14.68 10.08 -27.90
CA PHE D 19 -16.02 9.50 -27.93
C PHE D 19 -16.00 8.03 -27.50
N ARG D 20 -14.88 7.36 -27.78
CA ARG D 20 -14.68 5.94 -27.45
C ARG D 20 -14.12 5.74 -26.03
N ASP D 21 -13.05 6.46 -25.71
CA ASP D 21 -12.27 6.23 -24.50
C ASP D 21 -12.70 7.09 -23.32
N GLY D 22 -13.43 8.16 -23.63
CA GLY D 22 -13.77 9.16 -22.64
C GLY D 22 -12.54 9.96 -22.21
N PHE D 23 -12.66 10.67 -21.10
CA PHE D 23 -11.51 11.38 -20.54
C PHE D 23 -10.98 10.64 -19.34
N ARG D 24 -9.66 10.59 -19.19
CA ARG D 24 -9.02 10.03 -18.01
CA ARG D 24 -9.06 10.04 -17.97
C ARG D 24 -8.11 11.07 -17.35
N SER D 25 -8.10 11.10 -16.01
CA SER D 25 -7.25 12.03 -15.27
C SER D 25 -5.79 11.65 -15.42
N HIS D 26 -4.91 12.60 -15.10
CA HIS D 26 -3.47 12.34 -15.15
C HIS D 26 -3.04 11.26 -14.15
N GLY D 27 -3.60 11.32 -12.95
CA GLY D 27 -3.23 10.38 -11.91
C GLY D 27 -4.28 10.22 -10.82
N PHE D 28 -3.84 10.15 -9.57
CA PHE D 28 -4.78 9.91 -8.47
C PHE D 28 -4.61 10.90 -7.33
N ASN D 29 -3.91 12.00 -7.62
CA ASN D 29 -3.65 13.06 -6.65
C ASN D 29 -4.91 13.88 -6.39
N ARG D 30 -5.54 13.67 -5.22
CA ARG D 30 -6.76 14.39 -4.90
C ARG D 30 -6.54 15.68 -4.10
N ASN D 31 -5.42 16.35 -4.34
CA ASN D 31 -5.23 17.69 -3.80
C ASN D 31 -5.96 18.69 -4.71
N LEU D 32 -7.18 19.08 -4.30
CA LEU D 32 -8.05 19.91 -5.14
C LEU D 32 -7.46 21.29 -5.37
N GLN D 33 -6.84 21.82 -4.33
CA GLN D 33 -6.21 23.12 -4.38
C GLN D 33 -5.12 23.17 -5.43
N GLN D 34 -4.28 22.13 -5.44
CA GLN D 34 -3.25 21.97 -6.48
C GLN D 34 -3.88 21.91 -7.86
N HIS D 35 -4.93 21.11 -7.98
CA HIS D 35 -5.62 20.99 -9.27
C HIS D 35 -6.16 22.34 -9.74
N LEU D 36 -6.85 23.04 -8.84
CA LEU D 36 -7.49 24.30 -9.23
C LEU D 36 -6.47 25.36 -9.66
N ARG D 37 -5.26 25.32 -9.09
CA ARG D 37 -4.19 26.24 -9.51
C ARG D 37 -3.56 25.85 -10.84
N GLY D 38 -3.67 24.57 -11.18
CA GLY D 38 -3.01 24.05 -12.37
C GLY D 38 -1.71 23.32 -12.03
N ASP D 39 -1.37 23.27 -10.75
CA ASP D 39 -0.10 22.69 -10.31
C ASP D 39 0.02 21.18 -10.52
N SER D 40 -1.11 20.49 -10.62
CA SER D 40 -1.08 19.04 -10.78
C SER D 40 -1.56 18.63 -12.17
N CYS D 41 -1.74 19.62 -13.03
CA CYS D 41 -2.22 19.39 -14.37
C CYS D 41 -1.08 19.36 -15.40
N ALA D 42 -1.42 19.58 -16.68
CA ALA D 42 -0.46 19.38 -17.77
C ALA D 42 0.83 20.19 -17.62
N ALA D 43 0.71 21.40 -17.07
CA ALA D 43 1.89 22.27 -16.93
C ALA D 43 2.63 22.03 -15.61
N GLY D 44 2.17 21.05 -14.83
CA GLY D 44 2.76 20.80 -13.53
C GLY D 44 3.21 19.37 -13.30
N SER D 45 2.78 18.81 -12.16
CA SER D 45 3.17 17.46 -11.81
C SER D 45 2.45 16.38 -12.60
N ARG D 46 1.44 16.75 -13.39
CA ARG D 46 0.74 15.80 -14.25
C ARG D 46 0.27 14.55 -13.51
N ASP D 47 -0.36 14.73 -12.36
CA ASP D 47 -0.91 13.59 -11.63
C ASP D 47 -2.27 13.84 -11.00
N SER D 48 -2.91 14.96 -11.37
CA SER D 48 -4.23 15.29 -10.83
C SER D 48 -5.23 14.16 -10.94
N ALA D 49 -6.03 13.99 -9.89
CA ALA D 49 -7.11 13.00 -9.87
C ALA D 49 -8.35 13.45 -10.63
N PHE D 50 -8.38 14.72 -10.98
CA PHE D 50 -9.60 15.37 -11.45
C PHE D 50 -9.57 15.71 -12.92
N ILE D 51 -10.75 15.74 -13.52
CA ILE D 51 -10.94 16.19 -14.89
C ILE D 51 -11.79 17.45 -14.88
N ALA D 52 -11.22 18.57 -15.32
CA ALA D 52 -11.87 19.87 -15.22
C ALA D 52 -12.96 20.06 -16.27
N THR D 53 -14.09 20.60 -15.85
CA THR D 53 -15.16 20.99 -16.76
C THR D 53 -15.79 22.30 -16.26
N THR D 54 -16.63 22.91 -17.08
CA THR D 54 -17.35 24.10 -16.65
C THR D 54 -18.76 24.09 -17.21
N THR D 55 -19.68 24.70 -16.47
CA THR D 55 -21.04 24.79 -16.92
C THR D 55 -21.22 25.90 -17.95
N SER D 56 -20.24 26.79 -18.04
CA SER D 56 -20.38 28.03 -18.81
C SER D 56 -19.76 27.99 -20.21
N LEU D 57 -20.59 28.09 -21.24
CA LEU D 57 -20.12 28.17 -22.62
C LEU D 57 -19.19 29.37 -22.85
N ILE D 58 -19.49 30.48 -22.20
CA ILE D 58 -18.68 31.69 -22.34
C ILE D 58 -17.26 31.45 -21.82
N GLU D 59 -17.15 30.79 -20.68
CA GLU D 59 -15.85 30.44 -20.12
C GLU D 59 -15.03 29.56 -21.07
N THR D 60 -15.69 28.66 -21.80
CA THR D 60 -14.95 27.74 -22.67
C THR D 60 -14.16 28.51 -23.74
N TYR D 61 -14.77 29.54 -24.33
CA TYR D 61 -14.04 30.34 -25.32
C TYR D 61 -12.82 31.01 -24.69
N ASN D 62 -12.97 31.45 -23.45
CA ASN D 62 -11.88 32.16 -22.76
C ASN D 62 -10.76 31.21 -22.38
N ILE D 63 -11.12 30.01 -21.95
CA ILE D 63 -10.13 28.96 -21.70
C ILE D 63 -9.38 28.59 -22.98
N ALA D 64 -10.13 28.44 -24.07
CA ALA D 64 -9.54 28.11 -25.36
C ALA D 64 -8.58 29.22 -25.83
N ARG D 65 -8.98 30.48 -25.64
CA ARG D 65 -8.13 31.61 -26.01
C ARG D 65 -6.80 31.58 -25.22
N GLN D 66 -6.91 31.29 -23.93
CA GLN D 66 -5.72 31.21 -23.07
C GLN D 66 -4.75 30.17 -23.62
N TYR D 67 -5.27 29.00 -23.96
CA TYR D 67 -4.40 27.94 -24.46
C TYR D 67 -3.86 28.27 -25.84
N TYR D 68 -4.73 28.73 -26.74
CA TYR D 68 -4.34 29.05 -28.11
C TYR D 68 -3.26 30.12 -28.16
N SER D 69 -3.30 31.05 -27.22
CA SER D 69 -2.39 32.19 -27.26
C SER D 69 -1.11 31.94 -26.49
N SER D 70 -0.98 30.75 -25.90
CA SER D 70 0.18 30.44 -25.09
C SER D 70 1.36 30.02 -25.96
N SER D 71 2.57 30.38 -25.51
CA SER D 71 3.77 30.17 -26.30
C SER D 71 4.03 28.68 -26.43
N GLY D 72 4.40 28.25 -27.63
CA GLY D 72 4.69 26.87 -27.88
C GLY D 72 3.46 26.00 -28.07
N PHE D 73 2.27 26.58 -27.92
CA PHE D 73 1.06 25.81 -28.22
C PHE D 73 0.90 25.64 -29.73
N HIS D 74 0.73 24.41 -30.16
CA HIS D 74 0.43 24.13 -31.56
C HIS D 74 -0.65 23.08 -31.58
N GLY D 75 -1.42 23.02 -32.67
CA GLY D 75 -2.45 22.01 -32.77
C GLY D 75 -3.80 22.61 -32.49
N ARG D 76 -4.80 21.77 -32.27
CA ARG D 76 -6.18 22.25 -32.20
C ARG D 76 -6.88 21.93 -30.91
N LEU D 77 -7.96 22.68 -30.66
CA LEU D 77 -8.77 22.49 -29.45
C LEU D 77 -10.21 22.22 -29.85
N TYR D 78 -10.88 21.42 -29.02
CA TYR D 78 -12.29 21.08 -29.18
C TYR D 78 -13.04 21.42 -27.91
N ARG D 79 -14.31 21.84 -28.06
CA ARG D 79 -15.21 21.97 -26.92
C ARG D 79 -16.13 20.75 -26.89
N TYR D 80 -16.05 19.97 -25.81
CA TYR D 80 -16.90 18.80 -25.64
C TYR D 80 -18.10 19.13 -24.76
N ARG D 81 -19.28 18.64 -25.15
CA ARG D 81 -20.44 18.75 -24.28
C ARG D 81 -20.69 17.41 -23.62
N ILE D 82 -20.89 17.40 -22.31
CA ILE D 82 -20.86 16.16 -21.54
C ILE D 82 -22.04 16.07 -20.55
N ARG D 83 -22.72 14.93 -20.53
CA ARG D 83 -23.73 14.70 -19.50
C ARG D 83 -23.05 14.40 -18.18
N ALA D 84 -23.36 15.19 -17.15
CA ALA D 84 -22.77 14.98 -15.83
C ALA D 84 -23.61 14.00 -15.02
N ASN D 85 -22.95 13.21 -14.18
CA ASN D 85 -23.63 12.32 -13.25
C ASN D 85 -22.85 12.31 -11.94
N ASN D 86 -23.02 11.26 -11.14
CA ASN D 86 -22.48 11.30 -9.77
C ASN D 86 -20.95 11.23 -9.69
N ILE D 87 -20.29 11.07 -10.83
CA ILE D 87 -18.84 11.15 -10.94
C ILE D 87 -18.36 12.61 -10.86
N PHE D 88 -19.31 13.53 -11.09
CA PHE D 88 -19.02 14.95 -11.19
C PHE D 88 -19.38 15.70 -9.92
N TYR D 89 -18.53 16.63 -9.49
CA TYR D 89 -18.77 17.41 -8.28
C TYR D 89 -18.57 18.90 -8.56
N PRO D 90 -19.58 19.74 -8.29
CA PRO D 90 -19.27 21.18 -8.30
C PRO D 90 -18.21 21.44 -7.24
N ILE D 91 -17.31 22.39 -7.45
CA ILE D 91 -16.17 22.48 -6.53
C ILE D 91 -16.49 23.15 -5.19
N GLN D 92 -17.55 23.95 -5.13
CA GLN D 92 -17.77 24.78 -3.94
C GLN D 92 -17.94 24.00 -2.62
N PRO D 93 -18.73 22.91 -2.59
CA PRO D 93 -18.81 22.21 -1.29
C PRO D 93 -17.46 21.72 -0.77
N SER D 94 -16.59 21.32 -1.69
CA SER D 94 -15.27 20.80 -1.32
C SER D 94 -14.32 21.94 -0.94
N VAL D 95 -14.41 23.06 -1.65
CA VAL D 95 -13.60 24.22 -1.32
C VAL D 95 -14.01 24.72 0.08
N ASN D 96 -15.31 24.70 0.35
CA ASN D 96 -15.81 25.06 1.67
C ASN D 96 -15.30 24.10 2.75
N TYR D 97 -15.36 22.81 2.47
CA TYR D 97 -14.85 21.81 3.40
C TYR D 97 -13.37 22.04 3.67
N LEU D 98 -12.60 22.25 2.61
CA LEU D 98 -11.17 22.49 2.78
C LEU D 98 -10.91 23.74 3.63
N THR D 99 -11.70 24.78 3.38
CA THR D 99 -11.59 26.02 4.14
C THR D 99 -11.90 25.78 5.62
N GLN D 100 -12.93 24.98 5.86
CA GLN D 100 -13.32 24.61 7.22
C GLN D 100 -12.33 23.67 7.92
N ARG D 101 -11.42 23.07 7.15
CA ARG D 101 -10.32 22.27 7.67
C ARG D 101 -9.07 23.11 7.87
N GLY D 102 -9.15 24.40 7.54
CA GLY D 102 -8.05 25.31 7.79
C GLY D 102 -7.21 25.63 6.57
N ILE D 103 -7.59 25.10 5.42
CA ILE D 103 -6.87 25.39 4.19
C ILE D 103 -7.16 26.83 3.78
N THR D 104 -6.15 27.57 3.34
CA THR D 104 -6.39 28.96 2.96
C THR D 104 -6.37 29.11 1.45
N PHE D 105 -7.46 29.66 0.93
CA PHE D 105 -7.53 30.07 -0.47
C PHE D 105 -7.28 31.58 -0.51
N SER D 106 -6.39 32.01 -1.38
CA SER D 106 -6.02 33.42 -1.45
C SER D 106 -7.17 34.27 -1.97
N GLY D 107 -7.04 35.59 -1.79
CA GLY D 107 -8.02 36.51 -2.34
C GLY D 107 -8.15 36.31 -3.85
N PHE D 108 -7.03 36.04 -4.50
CA PHE D 108 -7.01 35.89 -5.95
C PHE D 108 -7.74 34.61 -6.36
N GLU D 109 -7.45 33.53 -5.66
CA GLU D 109 -8.09 32.24 -5.94
C GLU D 109 -9.61 32.40 -5.86
N ARG D 110 -10.09 33.16 -4.86
CA ARG D 110 -11.51 33.32 -4.65
C ARG D 110 -12.12 34.13 -5.78
N ILE D 111 -11.38 35.12 -6.29
CA ILE D 111 -11.82 35.88 -7.44
C ILE D 111 -11.96 34.97 -8.66
N MET D 112 -10.99 34.07 -8.83
CA MET D 112 -11.03 33.18 -9.96
C MET D 112 -12.21 32.21 -9.89
N MET D 113 -12.69 31.92 -8.67
CA MET D 113 -13.78 30.95 -8.48
C MET D 113 -15.16 31.59 -8.32
N ARG D 114 -15.25 32.92 -8.41
CA ARG D 114 -16.44 33.64 -7.94
C ARG D 114 -17.75 33.36 -8.71
N GLU D 115 -17.66 32.91 -9.94
CA GLU D 115 -18.86 32.67 -10.72
CA GLU D 115 -18.84 32.66 -10.76
C GLU D 115 -19.42 31.26 -10.51
N ASP D 116 -18.64 30.43 -9.80
CA ASP D 116 -19.07 29.08 -9.41
C ASP D 116 -19.52 28.14 -10.53
N ASN D 117 -18.83 28.20 -11.67
CA ASN D 117 -19.15 27.32 -12.80
C ASN D 117 -18.26 26.09 -12.91
N ASP D 118 -17.25 25.97 -12.06
CA ASP D 118 -16.32 24.85 -12.13
C ASP D 118 -16.89 23.57 -11.57
N ILE D 119 -16.72 22.48 -12.32
CA ILE D 119 -17.15 21.15 -11.90
C ILE D 119 -16.04 20.17 -12.25
N VAL D 120 -15.66 19.29 -11.32
CA VAL D 120 -14.65 18.28 -11.66
C VAL D 120 -15.24 16.89 -11.66
N ALA D 121 -14.73 16.04 -12.55
CA ALA D 121 -15.03 14.62 -12.53
C ALA D 121 -13.86 13.88 -11.92
N VAL D 122 -14.12 12.81 -11.20
CA VAL D 122 -13.00 12.08 -10.62
C VAL D 122 -12.63 10.87 -11.50
N GLU D 123 -11.34 10.77 -11.80
CA GLU D 123 -10.71 9.64 -12.51
C GLU D 123 -11.07 9.47 -14.00
N HIS D 124 -12.36 9.39 -14.32
CA HIS D 124 -12.77 8.94 -15.66
C HIS D 124 -14.17 9.38 -16.02
N ILE D 125 -14.28 10.04 -17.17
CA ILE D 125 -15.56 10.32 -17.80
C ILE D 125 -15.71 9.34 -18.95
N PRO D 126 -16.70 8.44 -18.88
CA PRO D 126 -16.93 7.49 -19.97
C PRO D 126 -17.26 8.20 -21.28
N GLY D 127 -16.84 7.60 -22.40
CA GLY D 127 -17.20 8.10 -23.71
C GLY D 127 -18.70 8.23 -23.89
N GLU D 128 -19.45 7.32 -23.27
CA GLU D 128 -20.90 7.32 -23.39
C GLU D 128 -21.58 8.55 -22.79
N ASN D 129 -20.86 9.29 -21.95
CA ASN D 129 -21.40 10.52 -21.36
C ASN D 129 -21.22 11.71 -22.29
N ILE D 130 -20.43 11.54 -23.33
CA ILE D 130 -20.07 12.67 -24.16
C ILE D 130 -21.05 12.83 -25.32
N VAL D 131 -21.71 13.98 -25.37
CA VAL D 131 -22.77 14.23 -26.36
C VAL D 131 -22.22 14.55 -27.77
N GLU D 132 -21.25 15.46 -27.83
CA GLU D 132 -20.82 16.02 -29.11
C GLU D 132 -19.52 16.78 -28.91
N ALA D 133 -18.85 17.12 -30.00
CA ALA D 133 -17.66 17.93 -29.92
C ALA D 133 -17.73 19.01 -31.00
N VAL D 134 -17.11 20.14 -30.72
CA VAL D 134 -17.01 21.22 -31.70
C VAL D 134 -15.56 21.66 -31.80
N GLU D 135 -15.01 21.63 -33.01
CA GLU D 135 -13.67 22.14 -33.26
C GLU D 135 -13.66 23.64 -33.08
N LEU D 136 -12.67 24.16 -32.36
CA LEU D 136 -12.58 25.61 -32.18
C LEU D 136 -11.61 26.21 -33.16
N THR D 137 -12.01 27.30 -33.80
CA THR D 137 -11.11 28.01 -34.71
C THR D 137 -10.51 29.18 -33.96
N TYR D 138 -9.30 29.56 -34.35
CA TYR D 138 -8.54 30.62 -33.71
C TYR D 138 -7.95 31.55 -34.77
N ASP D 139 -8.29 32.85 -34.67
CA ASP D 139 -7.67 33.91 -35.47
C ASP D 139 -6.71 34.67 -34.55
N ARG D 140 -5.41 34.40 -34.67
CA ARG D 140 -4.47 34.94 -33.68
C ARG D 140 -4.30 36.44 -33.79
N PHE D 141 -4.55 36.99 -34.98
CA PHE D 141 -4.41 38.44 -35.17
C PHE D 141 -5.49 39.27 -34.50
N ASN D 142 -6.66 38.69 -34.28
CA ASN D 142 -7.75 39.42 -33.66
C ASN D 142 -8.23 38.73 -32.38
N SER D 143 -7.40 37.83 -31.88
CA SER D 143 -7.70 37.04 -30.68
C SER D 143 -9.13 36.51 -30.70
N GLN D 144 -9.51 35.90 -31.82
CA GLN D 144 -10.90 35.52 -32.06
C GLN D 144 -11.10 34.00 -32.09
N VAL D 145 -11.97 33.49 -31.20
CA VAL D 145 -12.28 32.06 -31.16
C VAL D 145 -13.74 31.81 -31.55
N SER D 146 -13.99 30.96 -32.55
CA SER D 146 -15.35 30.61 -32.93
C SER D 146 -15.52 29.10 -33.10
N ASP D 147 -16.75 28.66 -33.33
CA ASP D 147 -17.04 27.25 -33.54
C ASP D 147 -16.72 26.82 -34.96
N GLY D 148 -15.91 25.77 -35.10
CA GLY D 148 -15.72 25.13 -36.38
C GLY D 148 -16.67 23.95 -36.53
N PRO D 149 -16.31 22.96 -37.33
CA PRO D 149 -17.19 21.81 -37.56
C PRO D 149 -17.49 21.03 -36.28
N GLY D 150 -18.73 20.60 -36.12
CA GLY D 150 -19.12 19.81 -34.98
C GLY D 150 -19.38 18.36 -35.38
N THR D 151 -19.29 17.46 -34.41
CA THR D 151 -19.62 16.07 -34.64
C THR D 151 -20.42 15.53 -33.45
N THR D 152 -21.41 14.67 -33.74
CA THR D 152 -22.22 14.05 -32.70
C THR D 152 -21.69 12.67 -32.33
N ASN D 153 -21.69 12.36 -31.04
CA ASN D 153 -21.21 11.07 -30.60
C ASN D 153 -22.33 10.05 -30.71
N ALA D 154 -22.20 9.14 -31.68
CA ALA D 154 -23.20 8.11 -31.89
C ALA D 154 -23.32 7.13 -30.72
N ARG D 155 -22.27 7.09 -29.88
CA ARG D 155 -22.23 6.21 -28.72
C ARG D 155 -22.87 6.82 -27.46
N TYR D 156 -23.25 8.10 -27.53
CA TYR D 156 -23.84 8.76 -26.37
C TYR D 156 -25.03 8.00 -25.80
N VAL D 157 -25.05 7.83 -24.47
CA VAL D 157 -26.19 7.22 -23.79
C VAL D 157 -27.03 8.29 -23.10
N PRO D 158 -28.25 8.52 -23.60
CA PRO D 158 -29.11 9.57 -23.03
C PRO D 158 -29.66 9.21 -21.66
N GLY D 159 -29.97 10.23 -20.88
CA GLY D 159 -30.62 10.04 -19.59
C GLY D 159 -30.68 11.37 -18.88
N SER D 160 -31.38 11.42 -17.75
CA SER D 160 -31.42 12.64 -16.95
C SER D 160 -30.67 12.35 -15.67
N THR D 161 -29.46 12.92 -15.57
CA THR D 161 -28.61 12.66 -14.41
C THR D 161 -27.99 13.95 -13.90
N PHE D 162 -27.50 13.91 -12.66
CA PHE D 162 -27.08 15.10 -11.94
C PHE D 162 -25.77 14.86 -11.23
N VAL D 163 -25.04 15.95 -10.97
CA VAL D 163 -23.80 15.89 -10.20
C VAL D 163 -24.03 15.35 -8.80
N ASN D 164 -22.98 14.83 -8.17
CA ASN D 164 -23.03 14.52 -6.75
C ASN D 164 -22.97 15.86 -6.01
N PRO D 165 -23.93 16.13 -5.12
CA PRO D 165 -24.04 17.46 -4.50
C PRO D 165 -23.09 17.68 -3.33
N GLY D 166 -22.31 16.68 -2.97
CA GLY D 166 -21.54 16.74 -1.74
C GLY D 166 -20.07 17.04 -1.91
N VAL D 167 -19.33 16.69 -0.86
CA VAL D 167 -17.89 16.82 -0.82
C VAL D 167 -17.22 15.66 -1.55
N ILE D 168 -16.16 15.97 -2.29
CA ILE D 168 -15.32 14.94 -2.88
C ILE D 168 -14.69 14.06 -1.81
N PRO D 169 -14.87 12.74 -1.92
CA PRO D 169 -14.29 11.82 -0.94
C PRO D 169 -12.77 11.70 -1.09
N GLN D 170 -12.10 11.31 -0.01
CA GLN D 170 -10.66 11.02 -0.03
C GLN D 170 -9.81 12.22 -0.50
N LEU D 171 -10.24 13.43 -0.16
CA LEU D 171 -9.44 14.62 -0.45
C LEU D 171 -8.12 14.59 0.29
N VAL D 172 -7.10 15.18 -0.32
CA VAL D 172 -5.86 15.42 0.36
C VAL D 172 -6.00 16.74 1.09
N VAL D 173 -5.74 16.71 2.39
CA VAL D 173 -5.83 17.91 3.21
C VAL D 173 -4.51 18.06 3.93
N PRO D 174 -3.58 18.87 3.37
CA PRO D 174 -2.27 19.04 4.01
C PRO D 174 -2.43 19.72 5.36
N THR D 175 -1.70 19.30 6.38
CA THR D 175 -1.70 20.04 7.66
C THR D 175 -0.36 20.71 7.93
NA NA E . -21.48 12.67 -0.07
PA NAD F . -29.56 -7.83 -12.70
O1A NAD F . -28.58 -6.72 -12.61
O2A NAD F . -30.89 -7.58 -13.29
O5B NAD F . -28.81 -9.04 -13.49
C5B NAD F . -29.45 -10.28 -13.86
C4B NAD F . -29.12 -10.53 -15.36
O4B NAD F . -29.79 -9.53 -16.19
C3B NAD F . -27.66 -10.29 -15.59
O3B NAD F . -26.94 -11.49 -15.16
C2B NAD F . -27.69 -10.19 -17.10
O2B NAD F . -28.08 -11.45 -17.62
C1B NAD F . -28.87 -9.23 -17.29
N9A NAD F . -28.63 -7.75 -17.14
C8A NAD F . -28.39 -6.96 -16.10
N7A NAD F . -28.30 -5.71 -16.54
C5A NAD F . -28.51 -5.71 -17.86
C6A NAD F . -28.54 -4.72 -18.78
N6A NAD F . -28.32 -3.49 -18.35
N1A NAD F . -28.78 -4.97 -20.08
C2A NAD F . -28.99 -6.29 -20.48
N3A NAD F . -28.96 -7.29 -19.50
C4A NAD F . -28.72 -6.98 -18.22
O3 NAD F . -29.80 -8.45 -11.27
PN NAD F . -28.59 -8.79 -10.23
O1N NAD F . -27.48 -7.79 -10.35
O2N NAD F . -28.30 -10.24 -10.32
O5D NAD F . -29.35 -8.48 -8.88
C5D NAD F . -30.60 -9.10 -8.53
C4D NAD F . -30.74 -9.14 -7.01
O4D NAD F . -29.49 -9.76 -6.53
C3D NAD F . -30.81 -7.74 -6.40
O3D NAD F . -31.53 -7.76 -5.16
C2D NAD F . -29.34 -7.51 -6.11
O2D NAD F . -29.15 -6.46 -5.14
C1D NAD F . -28.90 -8.87 -5.58
N1N NAD F . -27.39 -8.95 -5.60
C2N NAD F . -26.72 -9.40 -6.76
C3N NAD F . -25.33 -9.45 -6.84
C7N NAD F . -24.67 -9.91 -7.99
O7N NAD F . -23.36 -10.20 -7.90
N7N NAD F . -25.39 -10.10 -9.11
C4N NAD F . -24.59 -9.05 -5.73
C5N NAD F . -25.24 -8.61 -4.58
C6N NAD F . -26.63 -8.55 -4.49
NA NA G . 21.56 -12.83 0.25
PA NAD H . -0.35 -6.51 11.49
O1A NAD H . 1.12 -6.36 11.60
O2A NAD H . -1.00 -7.77 11.93
O5B NAD H . -0.99 -5.20 12.19
C5B NAD H . -2.34 -5.12 12.60
C4B NAD H . -2.31 -4.84 14.10
O4B NAD H . -1.82 -6.00 14.79
C3B NAD H . -1.21 -3.85 14.37
O3B NAD H . -1.67 -2.53 13.93
C2B NAD H . -1.18 -3.98 15.86
O2B NAD H . -2.46 -3.56 16.33
C1B NAD H . -1.14 -5.52 15.98
N9A NAD H . 0.20 -6.21 15.96
C8A NAD H . 1.14 -6.37 15.01
N7A NAD H . 2.12 -7.13 15.52
C5A NAD H . 1.78 -7.46 16.78
C6A NAD H . 2.40 -8.19 17.72
N6A NAD H . 3.58 -8.71 17.41
N1A NAD H . 1.85 -8.40 18.94
C2A NAD H . 0.62 -7.82 19.23
N3A NAD H . 0.00 -7.07 18.23
C4A NAD H . 0.60 -6.89 17.03
O3 NAD H . -0.84 -6.27 9.98
PN NAD H . -0.14 -5.31 8.92
O1N NAD H . 1.30 -5.12 9.19
O2N NAD H . -1.02 -4.14 8.65
O5D NAD H . -0.27 -6.30 7.67
C5D NAD H . -1.53 -6.74 7.16
C4D NAD H . -1.48 -6.70 5.62
O4D NAD H . -1.16 -5.30 5.26
C3D NAD H . -0.35 -7.58 5.08
O3D NAD H . -0.72 -8.15 3.82
C2D NAD H . 0.72 -6.53 4.87
O2D NAD H . 1.68 -7.00 3.90
C1D NAD H . -0.05 -5.31 4.35
N1N NAD H . 0.79 -4.07 4.50
C2N NAD H . 0.76 -3.30 5.69
C3N NAD H . 1.56 -2.17 5.85
C7N NAD H . 1.53 -1.40 7.03
O7N NAD H . 2.19 -0.22 7.03
N7N NAD H . 0.83 -1.85 8.07
C4N NAD H . 2.40 -1.79 4.81
C5N NAD H . 2.43 -2.52 3.63
C6N NAD H . 1.65 -3.65 3.47
PA NAD I . 35.44 -4.52 20.13
O1A NAD I . 34.05 -4.79 19.66
O2A NAD I . 36.12 -3.28 19.71
O5B NAD I . 35.43 -4.64 21.72
C5B NAD I . 36.45 -4.09 22.55
C4B NAD I . 35.71 -3.42 23.71
O4B NAD I . 35.23 -2.13 23.25
C3B NAD I . 34.44 -4.20 23.93
O3B NAD I . 34.74 -5.37 24.73
C2B NAD I . 33.66 -3.16 24.70
O2B NAD I . 34.32 -2.93 25.94
C1B NAD I . 33.90 -1.94 23.80
N9A NAD I . 33.03 -1.78 22.59
C8A NAD I . 32.83 -2.48 21.47
N7A NAD I . 31.96 -1.81 20.72
C5A NAD I . 31.64 -0.68 21.35
C6A NAD I . 30.82 0.33 21.03
N6A NAD I . 30.19 0.25 19.86
N1A NAD I . 30.65 1.40 21.84
C2A NAD I . 31.34 1.44 23.05
N3A NAD I . 32.19 0.37 23.37
C4A NAD I . 32.31 -0.66 22.51
O3 NAD I . 36.42 -5.72 19.73
PN NAD I . 36.02 -7.25 19.47
O1N NAD I . 34.55 -7.37 19.25
O2N NAD I . 36.68 -8.13 20.46
O5D NAD I . 36.79 -7.42 18.07
C5D NAD I . 38.21 -7.27 18.00
C4D NAD I . 38.84 -8.41 17.17
O4D NAD I . 38.49 -9.66 17.84
C3D NAD I . 38.24 -8.48 15.75
O3D NAD I . 39.22 -8.98 14.82
C2D NAD I . 37.17 -9.53 15.99
O2D NAD I . 36.76 -10.14 14.73
C1D NAD I . 37.86 -10.53 16.88
N1N NAD I . 36.83 -11.40 17.53
C2N NAD I . 36.22 -11.02 18.75
C3N NAD I . 35.25 -11.83 19.35
C7N NAD I . 34.64 -11.50 20.58
O7N NAD I . 33.83 -12.45 21.13
N7N NAD I . 34.93 -10.32 21.15
C4N NAD I . 34.88 -13.02 18.72
C5N NAD I . 35.47 -13.41 17.52
C6N NAD I . 36.44 -12.61 16.93
PA NAD J . -5.13 19.11 -18.71
O1A NAD J . -6.23 18.12 -18.70
O2A NAD J . -3.87 18.78 -18.03
O5B NAD J . -4.75 19.52 -20.26
C5B NAD J . -5.66 19.52 -21.38
C4B NAD J . -5.09 20.45 -22.47
O4B NAD J . -5.05 21.78 -21.95
C3B NAD J . -3.62 20.17 -22.66
O3B NAD J . -3.43 19.00 -23.48
C2B NAD J . -3.18 21.40 -23.41
O2B NAD J . -3.65 21.30 -24.76
C1B NAD J . -4.01 22.48 -22.68
N9A NAD J . -3.38 23.18 -21.54
C8A NAD J . -3.63 22.94 -20.26
N7A NAD J . -2.92 23.76 -19.51
C5A NAD J . -2.22 24.55 -20.34
C6A NAD J . -1.36 25.54 -20.09
N6A NAD J . -1.13 25.83 -18.81
N1A NAD J . -0.77 26.21 -21.09
C2A NAD J . -1.05 25.84 -22.41
N3A NAD J . -1.96 24.81 -22.65
C4A NAD J . -2.51 24.19 -21.60
O3 NAD J . -5.56 20.54 -18.05
PN NAD J . -7.02 21.21 -18.01
O1N NAD J . -8.08 20.18 -17.85
O2N NAD J . -7.11 22.24 -19.08
O5D NAD J . -6.90 22.01 -16.63
C5D NAD J . -5.91 23.02 -16.47
C4D NAD J . -6.46 24.16 -15.61
O4D NAD J . -7.67 24.62 -16.31
C3D NAD J . -6.90 23.63 -14.23
O3D NAD J . -6.68 24.63 -13.23
C2D NAD J . -8.39 23.49 -14.51
O2D NAD J . -9.16 23.48 -13.28
C1D NAD J . -8.70 24.72 -15.36
N1N NAD J . -10.00 24.48 -16.09
C2N NAD J . -9.97 23.80 -17.32
C3N NAD J . -11.16 23.53 -18.03
C7N NAD J . -11.16 22.88 -19.27
O7N NAD J . -12.36 22.81 -19.89
N7N NAD J . -10.02 22.38 -19.75
C4N NAD J . -12.37 23.92 -17.46
C5N NAD J . -12.40 24.59 -16.23
C6N NAD J . -11.23 24.85 -15.53
#